data_2EKF
#
_entry.id   2EKF
#
_entity_poly.entity_id   1
_entity_poly.type   'polypeptide(L)'
_entity_poly.pdbx_seq_one_letter_code
;GSSGSSGSPDVQLATLAQRVKEVLPHVPLGVIQRDLAKTGCVDLTITNLLEGAVAFMPEDI
;
_entity_poly.pdbx_strand_id   A
#
# COMPACT_ATOMS: atom_id res chain seq x y z
N GLY A 1 20.68 -10.98 16.11
CA GLY A 1 19.78 -11.25 15.01
C GLY A 1 18.73 -12.28 15.40
N SER A 2 17.58 -11.79 15.82
CA SER A 2 16.49 -12.67 16.23
C SER A 2 15.15 -12.11 15.73
N SER A 3 14.13 -12.95 15.79
CA SER A 3 12.80 -12.55 15.36
C SER A 3 11.75 -13.04 16.36
N GLY A 4 10.71 -12.25 16.51
CA GLY A 4 9.63 -12.59 17.42
C GLY A 4 8.92 -13.87 16.98
N SER A 5 8.07 -13.72 15.98
CA SER A 5 7.32 -14.85 15.44
C SER A 5 8.28 -15.87 14.84
N SER A 6 7.75 -17.05 14.58
CA SER A 6 8.54 -18.12 13.98
C SER A 6 9.37 -17.57 12.82
N GLY A 7 8.67 -17.03 11.85
CA GLY A 7 9.32 -16.47 10.67
C GLY A 7 8.41 -16.54 9.45
N SER A 8 7.85 -15.39 9.09
CA SER A 8 6.96 -15.32 7.94
C SER A 8 7.54 -14.38 6.90
N PRO A 9 8.45 -14.94 6.05
CA PRO A 9 9.08 -14.15 5.00
C PRO A 9 8.11 -13.89 3.85
N ASP A 10 7.33 -12.83 4.00
CA ASP A 10 6.36 -12.48 2.98
C ASP A 10 6.04 -10.99 3.10
N VAL A 11 6.20 -10.29 1.99
CA VAL A 11 5.93 -8.85 1.95
C VAL A 11 5.02 -8.55 0.76
N GLN A 12 4.10 -9.47 0.50
CA GLN A 12 3.17 -9.30 -0.59
C GLN A 12 2.13 -8.22 -0.27
N LEU A 13 1.37 -7.85 -1.27
CA LEU A 13 0.34 -6.83 -1.10
C LEU A 13 -0.56 -7.21 0.08
N ALA A 14 -0.92 -8.49 0.12
CA ALA A 14 -1.77 -9.00 1.18
C ALA A 14 -1.16 -8.64 2.53
N THR A 15 0.09 -9.09 2.72
CA THR A 15 0.79 -8.82 3.97
C THR A 15 0.68 -7.34 4.33
N LEU A 16 0.74 -6.51 3.31
CA LEU A 16 0.64 -5.07 3.53
C LEU A 16 -0.80 -4.70 3.85
N ALA A 17 -1.67 -4.92 2.88
CA ALA A 17 -3.08 -4.60 3.05
C ALA A 17 -3.52 -5.01 4.46
N GLN A 18 -2.86 -6.03 4.97
CA GLN A 18 -3.17 -6.52 6.31
C GLN A 18 -2.90 -5.44 7.35
N ARG A 19 -1.64 -5.01 7.40
CA ARG A 19 -1.24 -3.98 8.35
C ARG A 19 -2.09 -2.72 8.15
N VAL A 20 -1.87 -2.08 7.02
CA VAL A 20 -2.61 -0.86 6.70
C VAL A 20 -4.07 -1.03 7.14
N LYS A 21 -4.61 -2.21 6.86
CA LYS A 21 -5.99 -2.49 7.22
C LYS A 21 -6.10 -2.59 8.75
N GLU A 22 -5.19 -3.37 9.33
CA GLU A 22 -5.18 -3.55 10.77
C GLU A 22 -5.33 -2.20 11.48
N VAL A 23 -4.71 -1.19 10.90
CA VAL A 23 -4.76 0.15 11.45
C VAL A 23 -6.07 0.82 11.03
N LEU A 24 -6.42 0.61 9.77
CA LEU A 24 -7.65 1.20 9.24
C LEU A 24 -8.47 0.09 8.55
N PRO A 25 -9.36 -0.53 9.37
CA PRO A 25 -10.21 -1.59 8.86
C PRO A 25 -11.34 -1.03 8.00
N HIS A 26 -11.80 0.14 8.39
CA HIS A 26 -12.88 0.80 7.66
C HIS A 26 -12.57 0.78 6.16
N VAL A 27 -11.45 1.39 5.81
CA VAL A 27 -11.04 1.44 4.42
C VAL A 27 -11.10 0.05 3.81
N PRO A 28 -11.51 -0.01 2.52
CA PRO A 28 -11.61 -1.29 1.82
C PRO A 28 -10.24 -1.81 1.43
N LEU A 29 -10.18 -3.10 1.14
CA LEU A 29 -8.94 -3.75 0.76
C LEU A 29 -8.65 -3.43 -0.70
N GLY A 30 -9.70 -3.41 -1.50
CA GLY A 30 -9.57 -3.14 -2.92
C GLY A 30 -8.80 -1.83 -3.16
N VAL A 31 -9.23 -0.79 -2.42
CA VAL A 31 -8.59 0.50 -2.55
C VAL A 31 -7.19 0.44 -1.95
N ILE A 32 -7.10 -0.15 -0.77
CA ILE A 32 -5.82 -0.29 -0.09
C ILE A 32 -4.79 -0.87 -1.06
N GLN A 33 -5.11 -2.05 -1.56
CA GLN A 33 -4.23 -2.73 -2.50
C GLN A 33 -3.69 -1.74 -3.54
N ARG A 34 -4.59 -0.89 -4.02
CA ARG A 34 -4.23 0.11 -5.01
C ARG A 34 -3.42 1.23 -4.36
N ASP A 35 -3.98 1.77 -3.29
CA ASP A 35 -3.33 2.85 -2.57
C ASP A 35 -1.87 2.47 -2.30
N LEU A 36 -1.67 1.20 -1.99
CA LEU A 36 -0.33 0.69 -1.72
C LEU A 36 0.53 0.84 -2.96
N ALA A 37 -0.04 0.45 -4.10
CA ALA A 37 0.66 0.52 -5.36
C ALA A 37 1.02 1.98 -5.65
N LYS A 38 0.15 2.87 -5.19
CA LYS A 38 0.36 4.30 -5.40
C LYS A 38 1.67 4.71 -4.73
N THR A 39 2.08 3.90 -3.76
CA THR A 39 3.31 4.18 -3.03
C THR A 39 4.07 2.88 -2.78
N GLY A 40 3.78 2.27 -1.65
CA GLY A 40 4.44 1.03 -1.27
C GLY A 40 5.03 1.12 0.14
N CYS A 41 4.26 1.72 1.03
CA CYS A 41 4.69 1.87 2.42
C CYS A 41 3.45 2.01 3.29
N VAL A 42 3.29 1.04 4.19
CA VAL A 42 2.16 1.05 5.10
C VAL A 42 1.96 2.46 5.65
N ASP A 43 3.02 2.99 6.21
CA ASP A 43 2.99 4.33 6.78
C ASP A 43 2.39 5.30 5.76
N LEU A 44 2.99 5.29 4.57
CA LEU A 44 2.53 6.16 3.50
C LEU A 44 1.01 6.03 3.36
N THR A 45 0.58 4.81 3.07
CA THR A 45 -0.84 4.54 2.90
C THR A 45 -1.65 5.34 3.92
N ILE A 46 -1.37 5.09 5.19
CA ILE A 46 -2.06 5.77 6.27
C ILE A 46 -2.26 7.24 5.89
N THR A 47 -1.15 7.93 5.72
CA THR A 47 -1.18 9.34 5.36
C THR A 47 -2.06 9.55 4.12
N ASN A 48 -1.69 8.86 3.06
CA ASN A 48 -2.43 8.96 1.80
C ASN A 48 -3.94 8.99 2.10
N LEU A 49 -4.36 8.01 2.89
CA LEU A 49 -5.77 7.92 3.26
C LEU A 49 -6.18 9.18 4.00
N LEU A 50 -5.36 9.55 4.98
CA LEU A 50 -5.63 10.74 5.78
C LEU A 50 -5.83 11.94 4.85
N GLU A 51 -4.82 12.16 4.00
CA GLU A 51 -4.88 13.26 3.06
C GLU A 51 -5.15 12.75 1.65
N GLY A 52 -4.07 12.56 0.90
CA GLY A 52 -4.17 12.07 -0.46
C GLY A 52 -2.95 11.23 -0.83
N ALA A 53 -1.89 11.93 -1.23
CA ALA A 53 -0.66 11.25 -1.60
C ALA A 53 -0.97 10.19 -2.66
N VAL A 54 -1.06 10.64 -3.90
CA VAL A 54 -1.35 9.74 -5.01
C VAL A 54 -0.43 10.06 -6.18
N ALA A 55 0.20 9.03 -6.70
CA ALA A 55 1.11 9.18 -7.83
C ALA A 55 1.34 7.82 -8.49
N PHE A 56 2.13 7.84 -9.54
CA PHE A 56 2.44 6.62 -10.27
C PHE A 56 1.17 5.85 -10.63
N MET A 57 1.35 4.77 -11.37
CA MET A 57 0.23 3.95 -11.79
C MET A 57 0.70 2.72 -12.57
N PRO A 58 0.01 1.58 -12.32
CA PRO A 58 0.35 0.34 -13.00
C PRO A 58 -0.11 0.35 -14.45
N GLU A 59 0.15 -0.76 -15.13
CA GLU A 59 -0.23 -0.88 -16.53
C GLU A 59 -0.93 -2.21 -16.77
N ASP A 60 -1.74 -2.24 -17.81
CA ASP A 60 -2.48 -3.45 -18.16
C ASP A 60 -3.39 -3.16 -19.36
N ILE A 61 -3.15 -3.90 -20.43
CA ILE A 61 -3.94 -3.73 -21.64
C ILE A 61 -5.23 -4.56 -21.53
N GLY A 1 -0.60 -17.49 9.67
CA GLY A 1 -1.03 -16.15 10.03
C GLY A 1 -0.02 -15.11 9.57
N SER A 2 0.64 -14.51 10.55
CA SER A 2 1.65 -13.49 10.25
C SER A 2 2.86 -14.12 9.56
N SER A 3 2.79 -14.15 8.24
CA SER A 3 3.88 -14.72 7.45
C SER A 3 5.22 -14.14 7.90
N GLY A 4 6.29 -14.78 7.43
CA GLY A 4 7.62 -14.33 7.77
C GLY A 4 8.11 -14.99 9.07
N SER A 5 8.53 -14.14 10.00
CA SER A 5 9.00 -14.62 11.28
C SER A 5 10.02 -15.74 11.07
N SER A 6 11.29 -15.35 11.01
CA SER A 6 12.36 -16.32 10.81
C SER A 6 12.22 -16.99 9.45
N GLY A 7 13.33 -17.04 8.74
CA GLY A 7 13.35 -17.65 7.41
C GLY A 7 13.50 -16.59 6.32
N SER A 8 12.36 -16.04 5.91
CA SER A 8 12.36 -15.02 4.87
C SER A 8 11.30 -13.97 5.19
N PRO A 9 11.60 -12.71 4.76
CA PRO A 9 10.68 -11.61 4.99
C PRO A 9 9.49 -11.68 4.03
N ASP A 10 8.41 -11.01 4.43
CA ASP A 10 7.21 -11.00 3.63
C ASP A 10 6.62 -9.58 3.62
N VAL A 11 6.90 -8.86 2.54
CA VAL A 11 6.40 -7.50 2.41
C VAL A 11 5.52 -7.41 1.16
N GLN A 12 4.78 -8.49 0.92
CA GLN A 12 3.89 -8.53 -0.23
C GLN A 12 2.64 -7.69 0.03
N LEU A 13 1.96 -7.35 -1.06
CA LEU A 13 0.75 -6.55 -0.96
C LEU A 13 -0.09 -7.04 0.21
N ALA A 14 -0.50 -8.29 0.12
CA ALA A 14 -1.31 -8.89 1.18
C ALA A 14 -0.78 -8.45 2.54
N THR A 15 0.47 -8.79 2.80
CA THR A 15 1.10 -8.44 4.06
C THR A 15 0.86 -6.96 4.38
N LEU A 16 1.00 -6.14 3.36
CA LEU A 16 0.80 -4.71 3.52
C LEU A 16 -0.68 -4.43 3.79
N ALA A 17 -1.49 -4.67 2.77
CA ALA A 17 -2.92 -4.45 2.89
C ALA A 17 -3.39 -4.92 4.27
N GLN A 18 -2.69 -5.93 4.78
CA GLN A 18 -3.03 -6.48 6.08
C GLN A 18 -2.82 -5.45 7.18
N ARG A 19 -1.59 -4.93 7.24
CA ARG A 19 -1.26 -3.92 8.23
C ARG A 19 -2.13 -2.68 8.05
N VAL A 20 -1.89 -1.99 6.93
CA VAL A 20 -2.63 -0.78 6.62
C VAL A 20 -4.10 -0.99 7.01
N LYS A 21 -4.58 -2.21 6.79
CA LYS A 21 -5.96 -2.54 7.10
C LYS A 21 -6.10 -2.68 8.62
N GLU A 22 -5.20 -3.46 9.20
CA GLU A 22 -5.23 -3.70 10.63
C GLU A 22 -5.42 -2.37 11.38
N VAL A 23 -4.71 -1.36 10.91
CA VAL A 23 -4.79 -0.04 11.51
C VAL A 23 -6.07 0.66 11.05
N LEU A 24 -6.30 0.58 9.74
CA LEU A 24 -7.48 1.20 9.16
C LEU A 24 -8.35 0.11 8.53
N PRO A 25 -9.29 -0.42 9.34
CA PRO A 25 -10.19 -1.47 8.88
C PRO A 25 -11.28 -0.88 7.97
N HIS A 26 -11.81 0.24 8.40
CA HIS A 26 -12.86 0.91 7.63
C HIS A 26 -12.52 0.86 6.14
N VAL A 27 -11.42 1.50 5.80
CA VAL A 27 -10.98 1.53 4.41
C VAL A 27 -11.11 0.13 3.80
N PRO A 28 -11.51 0.11 2.51
CA PRO A 28 -11.69 -1.15 1.80
C PRO A 28 -10.33 -1.76 1.43
N LEU A 29 -10.35 -3.08 1.27
CA LEU A 29 -9.13 -3.80 0.92
C LEU A 29 -8.85 -3.64 -0.57
N GLY A 30 -9.92 -3.38 -1.31
CA GLY A 30 -9.81 -3.21 -2.75
C GLY A 30 -9.02 -1.94 -3.09
N VAL A 31 -9.33 -0.88 -2.35
CA VAL A 31 -8.65 0.39 -2.56
C VAL A 31 -7.23 0.31 -2.01
N ILE A 32 -7.12 -0.21 -0.79
CA ILE A 32 -5.83 -0.35 -0.15
C ILE A 32 -4.84 -1.01 -1.12
N GLN A 33 -5.31 -2.07 -1.76
CA GLN A 33 -4.50 -2.80 -2.71
C GLN A 33 -3.94 -1.84 -3.77
N ARG A 34 -4.70 -0.78 -4.03
CA ARG A 34 -4.29 0.20 -5.01
C ARG A 34 -3.39 1.25 -4.36
N ASP A 35 -3.85 1.77 -3.23
CA ASP A 35 -3.10 2.79 -2.51
C ASP A 35 -1.66 2.31 -2.34
N LEU A 36 -1.51 1.04 -2.00
CA LEU A 36 -0.20 0.46 -1.79
C LEU A 36 0.61 0.58 -3.09
N ALA A 37 -0.09 0.38 -4.20
CA ALA A 37 0.54 0.46 -5.51
C ALA A 37 0.99 1.90 -5.77
N LYS A 38 0.34 2.82 -5.07
CA LYS A 38 0.65 4.23 -5.21
C LYS A 38 1.96 4.53 -4.47
N THR A 39 2.08 3.97 -3.28
CA THR A 39 3.27 4.17 -2.47
C THR A 39 3.96 2.83 -2.21
N GLY A 40 3.31 2.01 -1.39
CA GLY A 40 3.86 0.70 -1.05
C GLY A 40 4.48 0.73 0.35
N CYS A 41 4.10 1.73 1.12
CA CYS A 41 4.62 1.87 2.47
C CYS A 41 3.43 2.02 3.42
N VAL A 42 3.24 0.99 4.24
CA VAL A 42 2.15 1.00 5.20
C VAL A 42 2.06 2.38 5.85
N ASP A 43 3.17 2.84 6.38
CA ASP A 43 3.23 4.14 7.03
C ASP A 43 2.69 5.20 6.07
N LEU A 44 3.35 5.29 4.91
CA LEU A 44 2.95 6.25 3.90
C LEU A 44 1.43 6.22 3.72
N THR A 45 0.95 5.03 3.39
CA THR A 45 -0.49 4.84 3.19
C THR A 45 -1.28 5.65 4.21
N ILE A 46 -0.98 5.38 5.49
CA ILE A 46 -1.67 6.07 6.57
C ILE A 46 -1.70 7.57 6.28
N THR A 47 -0.52 8.10 5.94
CA THR A 47 -0.40 9.51 5.64
C THR A 47 -1.14 9.84 4.34
N ASN A 48 -0.84 9.06 3.32
CA ASN A 48 -1.48 9.26 2.02
C ASN A 48 -3.00 9.21 2.18
N LEU A 49 -3.42 8.52 3.23
CA LEU A 49 -4.85 8.38 3.51
C LEU A 49 -5.33 9.64 4.24
N LEU A 50 -4.70 9.90 5.37
CA LEU A 50 -5.06 11.06 6.18
C LEU A 50 -4.97 12.32 5.31
N GLU A 51 -3.78 12.55 4.77
CA GLU A 51 -3.55 13.70 3.92
C GLU A 51 -4.39 13.60 2.65
N GLY A 52 -3.80 13.00 1.64
CA GLY A 52 -4.48 12.84 0.35
C GLY A 52 -3.50 13.01 -0.81
N ALA A 53 -2.54 12.11 -0.87
CA ALA A 53 -1.55 12.14 -1.93
C ALA A 53 -2.03 11.31 -3.12
N VAL A 54 -1.50 10.10 -3.21
CA VAL A 54 -1.89 9.20 -4.29
C VAL A 54 -1.40 9.79 -5.62
N ALA A 55 -0.63 8.98 -6.34
CA ALA A 55 -0.10 9.39 -7.63
C ALA A 55 0.95 10.49 -7.40
N PHE A 56 2.13 10.04 -6.99
CA PHE A 56 3.23 10.96 -6.74
C PHE A 56 3.99 11.27 -8.03
N MET A 57 3.61 10.57 -9.09
CA MET A 57 4.25 10.76 -10.38
C MET A 57 5.76 10.90 -10.24
N PRO A 58 6.47 9.75 -10.33
CA PRO A 58 7.91 9.73 -10.21
C PRO A 58 8.58 10.28 -11.47
N GLU A 59 9.06 11.51 -11.37
CA GLU A 59 9.70 12.16 -12.49
C GLU A 59 10.98 11.40 -12.87
N ASP A 60 11.37 11.55 -14.13
CA ASP A 60 12.56 10.90 -14.63
C ASP A 60 12.25 9.42 -14.91
N ILE A 61 12.61 9.00 -16.11
CA ILE A 61 12.37 7.62 -16.52
C ILE A 61 13.39 6.71 -15.84
N GLY A 1 14.31 7.01 -6.16
CA GLY A 1 13.38 6.29 -5.30
C GLY A 1 12.15 5.83 -6.07
N SER A 2 12.25 4.64 -6.64
CA SER A 2 11.15 4.07 -7.41
C SER A 2 11.48 2.63 -7.81
N SER A 3 11.17 1.72 -6.91
CA SER A 3 11.43 0.31 -7.15
C SER A 3 10.46 -0.22 -8.21
N GLY A 4 10.94 -1.20 -8.96
CA GLY A 4 10.13 -1.80 -10.02
C GLY A 4 10.89 -1.81 -11.35
N SER A 5 11.35 -3.00 -11.71
CA SER A 5 12.09 -3.15 -12.96
C SER A 5 11.40 -4.19 -13.85
N SER A 6 10.52 -3.70 -14.71
CA SER A 6 9.79 -4.57 -15.61
C SER A 6 8.81 -5.44 -14.83
N GLY A 7 9.36 -6.31 -14.00
CA GLY A 7 8.55 -7.20 -13.19
C GLY A 7 9.38 -7.84 -12.08
N SER A 8 9.02 -7.52 -10.85
CA SER A 8 9.72 -8.06 -9.69
C SER A 8 8.77 -8.92 -8.86
N PRO A 9 9.37 -9.93 -8.18
CA PRO A 9 8.58 -10.83 -7.34
C PRO A 9 8.18 -10.15 -6.04
N ASP A 10 7.45 -9.05 -6.18
CA ASP A 10 6.99 -8.30 -5.02
C ASP A 10 5.46 -8.35 -4.96
N VAL A 11 4.97 -9.24 -4.10
CA VAL A 11 3.53 -9.39 -3.94
C VAL A 11 3.18 -9.32 -2.45
N GLN A 12 3.86 -8.42 -1.75
CA GLN A 12 3.64 -8.25 -0.33
C GLN A 12 2.41 -7.35 -0.09
N LEU A 13 1.79 -6.96 -1.19
CA LEU A 13 0.61 -6.11 -1.12
C LEU A 13 -0.30 -6.61 0.00
N ALA A 14 -0.65 -7.88 -0.09
CA ALA A 14 -1.51 -8.49 0.91
C ALA A 14 -0.94 -8.24 2.30
N THR A 15 0.26 -8.75 2.51
CA THR A 15 0.93 -8.59 3.79
C THR A 15 0.77 -7.15 4.30
N LEU A 16 0.85 -6.22 3.37
CA LEU A 16 0.72 -4.82 3.71
C LEU A 16 -0.76 -4.50 3.99
N ALA A 17 -1.57 -4.72 2.97
CA ALA A 17 -3.00 -4.46 3.09
C ALA A 17 -3.48 -4.92 4.47
N GLN A 18 -2.81 -5.94 4.99
CA GLN A 18 -3.15 -6.48 6.29
C GLN A 18 -2.94 -5.42 7.38
N ARG A 19 -1.70 -4.94 7.45
CA ARG A 19 -1.35 -3.94 8.44
C ARG A 19 -2.19 -2.68 8.24
N VAL A 20 -1.94 -2.00 7.13
CA VAL A 20 -2.68 -0.79 6.81
C VAL A 20 -4.15 -0.97 7.18
N LYS A 21 -4.64 -2.18 6.97
CA LYS A 21 -6.02 -2.49 7.29
C LYS A 21 -6.18 -2.65 8.80
N GLU A 22 -5.30 -3.46 9.38
CA GLU A 22 -5.32 -3.70 10.81
C GLU A 22 -5.58 -2.39 11.56
N VAL A 23 -4.87 -1.36 11.15
CA VAL A 23 -5.01 -0.05 11.77
C VAL A 23 -6.31 0.60 11.28
N LEU A 24 -6.53 0.52 9.98
CA LEU A 24 -7.71 1.09 9.38
C LEU A 24 -8.52 -0.01 8.70
N PRO A 25 -9.45 -0.62 9.49
CA PRO A 25 -10.29 -1.69 8.97
C PRO A 25 -11.38 -1.13 8.06
N HIS A 26 -11.90 0.03 8.44
CA HIS A 26 -12.95 0.67 7.67
C HIS A 26 -12.60 0.61 6.18
N VAL A 27 -11.59 1.39 5.81
CA VAL A 27 -11.14 1.45 4.43
C VAL A 27 -11.14 0.03 3.85
N PRO A 28 -11.52 -0.06 2.55
CA PRO A 28 -11.56 -1.34 1.87
C PRO A 28 -10.15 -1.83 1.52
N LEU A 29 -10.06 -3.10 1.19
CA LEU A 29 -8.79 -3.70 0.85
C LEU A 29 -8.47 -3.39 -0.63
N GLY A 30 -9.50 -3.43 -1.44
CA GLY A 30 -9.35 -3.16 -2.86
C GLY A 30 -8.67 -1.82 -3.08
N VAL A 31 -9.15 -0.81 -2.37
CA VAL A 31 -8.59 0.53 -2.48
C VAL A 31 -7.19 0.55 -1.86
N ILE A 32 -7.09 -0.08 -0.70
CA ILE A 32 -5.82 -0.13 0.01
C ILE A 32 -4.74 -0.68 -0.94
N GLN A 33 -5.02 -1.85 -1.47
CA GLN A 33 -4.09 -2.50 -2.39
C GLN A 33 -3.73 -1.55 -3.54
N ARG A 34 -4.77 -0.92 -4.07
CA ARG A 34 -4.58 0.02 -5.18
C ARG A 34 -3.78 1.23 -4.72
N ASP A 35 -4.06 1.65 -3.49
CA ASP A 35 -3.38 2.80 -2.91
C ASP A 35 -1.90 2.47 -2.74
N LEU A 36 -1.65 1.33 -2.12
CA LEU A 36 -0.28 0.88 -1.88
C LEU A 36 0.52 0.99 -3.18
N ALA A 37 -0.15 0.65 -4.28
CA ALA A 37 0.49 0.71 -5.58
C ALA A 37 1.09 2.10 -5.80
N LYS A 38 0.33 3.10 -5.36
CA LYS A 38 0.78 4.48 -5.48
C LYS A 38 2.17 4.64 -4.88
N THR A 39 2.46 3.76 -3.91
CA THR A 39 3.74 3.80 -3.25
C THR A 39 4.22 2.38 -2.94
N GLY A 40 3.75 1.85 -1.82
CA GLY A 40 4.12 0.50 -1.41
C GLY A 40 4.83 0.51 -0.07
N CYS A 41 4.33 1.36 0.82
CA CYS A 41 4.92 1.49 2.15
C CYS A 41 3.82 1.96 3.11
N VAL A 42 3.58 1.15 4.13
CA VAL A 42 2.57 1.47 5.11
C VAL A 42 2.80 2.89 5.63
N ASP A 43 4.02 3.14 6.09
CA ASP A 43 4.38 4.45 6.61
C ASP A 43 3.90 5.52 5.62
N LEU A 44 3.97 5.19 4.34
CA LEU A 44 3.56 6.10 3.30
C LEU A 44 2.04 6.06 3.16
N THR A 45 1.49 4.88 3.40
CA THR A 45 0.05 4.69 3.30
C THR A 45 -0.66 5.36 4.49
N ILE A 46 -0.32 4.89 5.67
CA ILE A 46 -0.91 5.44 6.89
C ILE A 46 -1.00 6.96 6.77
N THR A 47 0.06 7.54 6.25
CA THR A 47 0.12 8.99 6.08
C THR A 47 -0.80 9.41 4.92
N ASN A 48 -0.58 8.80 3.78
CA ASN A 48 -1.36 9.10 2.59
C ASN A 48 -2.85 9.05 2.96
N LEU A 49 -3.16 8.27 3.97
CA LEU A 49 -4.53 8.13 4.42
C LEU A 49 -5.00 9.46 5.02
N LEU A 50 -4.16 10.03 5.85
CA LEU A 50 -4.48 11.29 6.49
C LEU A 50 -3.98 12.45 5.62
N GLU A 51 -2.66 12.54 5.51
CA GLU A 51 -2.05 13.58 4.70
C GLU A 51 -2.79 13.74 3.38
N GLY A 52 -2.58 12.78 2.50
CA GLY A 52 -3.22 12.80 1.20
C GLY A 52 -2.21 13.08 0.08
N ALA A 53 -1.46 12.03 -0.26
CA ALA A 53 -0.45 12.14 -1.30
C ALA A 53 -0.96 11.48 -2.57
N VAL A 54 -0.50 10.26 -2.80
CA VAL A 54 -0.91 9.51 -3.98
C VAL A 54 -0.39 10.23 -5.24
N ALA A 55 0.14 9.43 -6.15
CA ALA A 55 0.68 9.97 -7.39
C ALA A 55 -0.47 10.24 -8.36
N PHE A 56 -0.20 11.12 -9.32
CA PHE A 56 -1.20 11.48 -10.30
C PHE A 56 -1.00 10.69 -11.61
N MET A 57 0.09 9.94 -11.64
CA MET A 57 0.42 9.14 -12.81
C MET A 57 0.16 9.92 -14.10
N PRO A 58 1.22 10.62 -14.57
CA PRO A 58 1.13 11.40 -15.78
C PRO A 58 1.13 10.50 -17.02
N GLU A 59 0.97 11.14 -18.17
CA GLU A 59 0.95 10.41 -19.44
C GLU A 59 2.22 10.70 -20.24
N ASP A 60 2.57 9.75 -21.09
CA ASP A 60 3.75 9.89 -21.92
C ASP A 60 3.48 9.31 -23.30
N ILE A 61 3.18 10.20 -24.24
CA ILE A 61 2.88 9.79 -25.61
C ILE A 61 4.15 9.19 -26.23
N GLY A 1 20.29 -7.63 12.37
CA GLY A 1 19.61 -8.49 11.43
C GLY A 1 18.82 -7.68 10.41
N SER A 2 19.13 -7.91 9.14
CA SER A 2 18.46 -7.20 8.06
C SER A 2 17.65 -8.20 7.22
N SER A 3 16.60 -7.68 6.60
CA SER A 3 15.74 -8.50 5.77
C SER A 3 14.94 -9.46 6.64
N GLY A 4 15.65 -10.43 7.20
CA GLY A 4 15.02 -11.42 8.06
C GLY A 4 16.06 -12.35 8.68
N SER A 5 16.09 -12.37 10.00
CA SER A 5 17.02 -13.20 10.73
C SER A 5 16.32 -14.44 11.26
N SER A 6 15.26 -14.21 12.03
CA SER A 6 14.49 -15.29 12.61
C SER A 6 13.05 -14.83 12.87
N GLY A 7 12.12 -15.45 12.14
CA GLY A 7 10.71 -15.12 12.28
C GLY A 7 9.95 -15.44 10.99
N SER A 8 9.49 -14.38 10.34
CA SER A 8 8.73 -14.54 9.11
C SER A 8 8.76 -13.24 8.31
N PRO A 9 9.81 -13.10 7.46
CA PRO A 9 9.96 -11.91 6.64
C PRO A 9 8.98 -11.93 5.47
N ASP A 10 8.20 -10.86 5.37
CA ASP A 10 7.22 -10.74 4.31
C ASP A 10 6.84 -9.27 4.14
N VAL A 11 6.82 -8.84 2.88
CA VAL A 11 6.49 -7.47 2.57
C VAL A 11 5.67 -7.44 1.27
N GLN A 12 4.76 -8.39 1.16
CA GLN A 12 3.92 -8.48 -0.02
C GLN A 12 2.67 -7.62 0.15
N LEU A 13 2.16 -7.15 -0.98
CA LEU A 13 0.97 -6.31 -0.97
C LEU A 13 -0.03 -6.85 0.07
N ALA A 14 -0.27 -8.15 -0.03
CA ALA A 14 -1.19 -8.80 0.88
C ALA A 14 -0.79 -8.50 2.33
N THR A 15 0.44 -8.87 2.65
CA THR A 15 0.95 -8.64 3.99
C THR A 15 0.80 -7.16 4.37
N LEU A 16 0.84 -6.31 3.37
CA LEU A 16 0.70 -4.88 3.58
C LEU A 16 -0.75 -4.55 3.89
N ALA A 17 -1.60 -4.74 2.88
CA ALA A 17 -3.02 -4.48 3.04
C ALA A 17 -3.48 -4.95 4.41
N GLN A 18 -2.80 -5.99 4.90
CA GLN A 18 -3.14 -6.55 6.20
C GLN A 18 -2.93 -5.50 7.29
N ARG A 19 -1.69 -5.07 7.43
CA ARG A 19 -1.35 -4.07 8.43
C ARG A 19 -2.23 -2.82 8.27
N VAL A 20 -2.00 -2.13 7.16
CA VAL A 20 -2.75 -0.92 6.88
C VAL A 20 -4.22 -1.14 7.25
N LYS A 21 -4.68 -2.35 6.99
CA LYS A 21 -6.06 -2.71 7.29
C LYS A 21 -6.23 -2.84 8.81
N GLU A 22 -5.32 -3.59 9.40
CA GLU A 22 -5.36 -3.81 10.84
C GLU A 22 -5.47 -2.47 11.57
N VAL A 23 -5.01 -1.42 10.91
CA VAL A 23 -5.07 -0.09 11.48
C VAL A 23 -6.32 0.64 10.97
N LEU A 24 -6.57 0.46 9.68
CA LEU A 24 -7.73 1.09 9.07
C LEU A 24 -8.66 0.01 8.52
N PRO A 25 -9.61 -0.43 9.39
CA PRO A 25 -10.56 -1.45 9.00
C PRO A 25 -11.64 -0.89 8.06
N HIS A 26 -12.14 0.28 8.43
CA HIS A 26 -13.16 0.93 7.63
C HIS A 26 -12.80 0.82 6.15
N VAL A 27 -11.75 1.53 5.77
CA VAL A 27 -11.30 1.52 4.39
C VAL A 27 -11.27 0.08 3.88
N PRO A 28 -11.65 -0.08 2.59
CA PRO A 28 -11.66 -1.40 1.97
C PRO A 28 -10.25 -1.87 1.65
N LEU A 29 -10.12 -3.18 1.43
CA LEU A 29 -8.83 -3.76 1.11
C LEU A 29 -8.48 -3.46 -0.35
N GLY A 30 -9.48 -3.62 -1.21
CA GLY A 30 -9.29 -3.37 -2.62
C GLY A 30 -8.57 -2.05 -2.87
N VAL A 31 -9.15 -1.00 -2.29
CA VAL A 31 -8.57 0.34 -2.44
C VAL A 31 -7.19 0.36 -1.78
N ILE A 32 -7.13 -0.17 -0.58
CA ILE A 32 -5.87 -0.21 0.16
C ILE A 32 -4.76 -0.66 -0.78
N GLN A 33 -5.00 -1.80 -1.43
CA GLN A 33 -4.02 -2.35 -2.36
C GLN A 33 -3.60 -1.29 -3.38
N ARG A 34 -4.61 -0.65 -3.95
CA ARG A 34 -4.37 0.37 -4.96
C ARG A 34 -3.56 1.53 -4.35
N ASP A 35 -3.97 1.93 -3.15
CA ASP A 35 -3.29 3.02 -2.46
C ASP A 35 -1.82 2.64 -2.25
N LEU A 36 -1.58 1.33 -2.14
CA LEU A 36 -0.23 0.84 -1.95
C LEU A 36 0.56 0.98 -3.25
N ALA A 37 -0.06 0.53 -4.33
CA ALA A 37 0.58 0.61 -5.64
C ALA A 37 1.03 2.04 -5.91
N LYS A 38 0.27 2.98 -5.34
CA LYS A 38 0.59 4.39 -5.50
C LYS A 38 2.03 4.64 -5.05
N THR A 39 2.46 3.86 -4.07
CA THR A 39 3.80 3.99 -3.55
C THR A 39 4.43 2.61 -3.35
N GLY A 40 4.14 2.02 -2.21
CA GLY A 40 4.67 0.70 -1.88
C GLY A 40 5.35 0.70 -0.51
N CYS A 41 4.70 1.36 0.43
CA CYS A 41 5.23 1.45 1.78
C CYS A 41 4.09 1.82 2.73
N VAL A 42 3.84 0.94 3.68
CA VAL A 42 2.78 1.17 4.65
C VAL A 42 2.91 2.58 5.22
N ASP A 43 4.09 2.86 5.76
CA ASP A 43 4.36 4.17 6.34
C ASP A 43 3.90 5.25 5.37
N LEU A 44 4.04 4.96 4.08
CA LEU A 44 3.65 5.90 3.06
C LEU A 44 2.13 5.83 2.84
N THR A 45 1.66 4.60 2.62
CA THR A 45 0.24 4.39 2.40
C THR A 45 -0.57 4.94 3.57
N ILE A 46 -0.26 4.43 4.76
CA ILE A 46 -0.94 4.86 5.96
C ILE A 46 -1.14 6.38 5.92
N THR A 47 -0.12 7.06 5.43
CA THR A 47 -0.16 8.51 5.33
C THR A 47 -1.01 8.94 4.12
N ASN A 48 -0.57 8.51 2.95
CA ASN A 48 -1.27 8.84 1.72
C ASN A 48 -2.76 8.61 1.92
N LEU A 49 -3.08 7.69 2.82
CA LEU A 49 -4.46 7.37 3.11
C LEU A 49 -5.20 8.65 3.53
N LEU A 50 -4.74 9.22 4.63
CA LEU A 50 -5.34 10.44 5.14
C LEU A 50 -4.70 11.65 4.46
N GLU A 51 -3.41 11.82 4.71
CA GLU A 51 -2.66 12.92 4.13
C GLU A 51 -3.08 13.13 2.67
N GLY A 52 -2.56 12.29 1.80
CA GLY A 52 -2.88 12.38 0.39
C GLY A 52 -1.61 12.29 -0.47
N ALA A 53 -1.56 11.26 -1.30
CA ALA A 53 -0.41 11.05 -2.17
C ALA A 53 -0.73 9.93 -3.16
N VAL A 54 -1.43 10.30 -4.22
CA VAL A 54 -1.81 9.34 -5.24
C VAL A 54 -1.55 9.94 -6.63
N ALA A 55 -0.82 9.19 -7.44
CA ALA A 55 -0.49 9.64 -8.78
C ALA A 55 -0.65 8.49 -9.76
N PHE A 56 -1.49 8.70 -10.76
CA PHE A 56 -1.75 7.68 -11.76
C PHE A 56 -0.49 7.42 -12.60
N MET A 57 -0.31 6.16 -12.96
CA MET A 57 0.84 5.76 -13.76
C MET A 57 0.57 5.98 -15.24
N PRO A 58 1.37 6.90 -15.84
CA PRO A 58 1.23 7.21 -17.26
C PRO A 58 1.82 6.10 -18.12
N GLU A 59 1.58 6.22 -19.42
CA GLU A 59 2.08 5.24 -20.36
C GLU A 59 2.54 5.92 -21.66
N ASP A 60 3.43 5.24 -22.36
CA ASP A 60 3.95 5.78 -23.61
C ASP A 60 4.99 4.80 -24.18
N ILE A 61 4.68 4.29 -25.35
CA ILE A 61 5.57 3.34 -26.02
C ILE A 61 6.78 4.09 -26.58
N GLY A 1 24.08 -11.45 -3.24
CA GLY A 1 24.42 -10.46 -2.25
C GLY A 1 23.73 -9.12 -2.54
N SER A 2 22.58 -8.93 -1.88
CA SER A 2 21.82 -7.71 -2.07
C SER A 2 21.36 -7.59 -3.52
N SER A 3 20.12 -7.99 -3.75
CA SER A 3 19.55 -7.94 -5.09
C SER A 3 18.85 -6.59 -5.31
N GLY A 4 19.45 -5.77 -6.16
CA GLY A 4 18.90 -4.47 -6.46
C GLY A 4 17.55 -4.59 -7.18
N SER A 5 17.16 -3.50 -7.82
CA SER A 5 15.90 -3.48 -8.54
C SER A 5 16.12 -3.96 -9.98
N SER A 6 15.58 -5.14 -10.26
CA SER A 6 15.70 -5.73 -11.58
C SER A 6 14.70 -6.87 -11.75
N GLY A 7 14.83 -7.85 -10.86
CA GLY A 7 13.94 -9.00 -10.91
C GLY A 7 13.65 -9.52 -9.49
N SER A 8 12.94 -8.70 -8.73
CA SER A 8 12.61 -9.06 -7.36
C SER A 8 11.09 -9.26 -7.24
N PRO A 9 10.67 -10.55 -7.37
CA PRO A 9 9.26 -10.89 -7.28
C PRO A 9 8.77 -10.84 -5.83
N ASP A 10 8.06 -9.77 -5.51
CA ASP A 10 7.54 -9.60 -4.16
C ASP A 10 6.06 -9.25 -4.23
N VAL A 11 5.24 -10.20 -3.80
CA VAL A 11 3.80 -10.00 -3.80
C VAL A 11 3.28 -9.99 -2.37
N GLN A 12 4.03 -9.32 -1.50
CA GLN A 12 3.66 -9.22 -0.10
C GLN A 12 2.58 -8.16 0.09
N LEU A 13 2.16 -7.58 -1.03
CA LEU A 13 1.14 -6.55 -1.00
C LEU A 13 0.02 -6.98 -0.05
N ALA A 14 -0.35 -8.25 -0.14
CA ALA A 14 -1.40 -8.79 0.70
C ALA A 14 -1.05 -8.54 2.17
N THR A 15 0.09 -9.09 2.57
CA THR A 15 0.55 -8.93 3.95
C THR A 15 0.46 -7.47 4.37
N LEU A 16 0.73 -6.59 3.42
CA LEU A 16 0.69 -5.17 3.68
C LEU A 16 -0.74 -4.75 4.01
N ALA A 17 -1.62 -4.94 3.04
CA ALA A 17 -3.02 -4.59 3.22
C ALA A 17 -3.47 -4.98 4.63
N GLN A 18 -2.83 -6.03 5.15
CA GLN A 18 -3.15 -6.51 6.47
C GLN A 18 -2.86 -5.42 7.52
N ARG A 19 -1.60 -5.04 7.60
CA ARG A 19 -1.19 -4.02 8.54
C ARG A 19 -2.01 -2.74 8.34
N VAL A 20 -1.79 -2.10 7.21
CA VAL A 20 -2.50 -0.88 6.88
C VAL A 20 -3.96 -1.02 7.31
N LYS A 21 -4.50 -2.21 7.08
CA LYS A 21 -5.88 -2.49 7.44
C LYS A 21 -6.01 -2.57 8.96
N GLU A 22 -5.12 -3.35 9.55
CA GLU A 22 -5.12 -3.51 11.00
C GLU A 22 -5.34 -2.17 11.70
N VAL A 23 -4.84 -1.12 11.05
CA VAL A 23 -4.96 0.22 11.59
C VAL A 23 -6.29 0.83 11.13
N LEU A 24 -6.59 0.63 9.86
CA LEU A 24 -7.81 1.14 9.29
C LEU A 24 -8.59 0.00 8.64
N PRO A 25 -9.47 -0.63 9.46
CA PRO A 25 -10.28 -1.74 8.98
C PRO A 25 -11.41 -1.25 8.08
N HIS A 26 -11.95 -0.10 8.46
CA HIS A 26 -13.05 0.50 7.69
C HIS A 26 -12.69 0.52 6.21
N VAL A 27 -11.64 1.26 5.90
CA VAL A 27 -11.18 1.38 4.52
C VAL A 27 -11.20 -0.01 3.86
N PRO A 28 -11.57 -0.02 2.56
CA PRO A 28 -11.63 -1.27 1.82
C PRO A 28 -10.23 -1.76 1.45
N LEU A 29 -10.17 -2.97 0.93
CA LEU A 29 -8.91 -3.56 0.53
C LEU A 29 -8.60 -3.20 -0.92
N GLY A 30 -9.63 -3.32 -1.75
CA GLY A 30 -9.49 -3.02 -3.16
C GLY A 30 -8.86 -1.64 -3.36
N VAL A 31 -9.00 -0.80 -2.34
CA VAL A 31 -8.44 0.54 -2.40
C VAL A 31 -7.05 0.54 -1.75
N ILE A 32 -6.96 -0.14 -0.62
CA ILE A 32 -5.70 -0.23 0.10
C ILE A 32 -4.61 -0.73 -0.85
N GLN A 33 -4.92 -1.83 -1.53
CA GLN A 33 -3.98 -2.43 -2.47
C GLN A 33 -3.61 -1.41 -3.55
N ARG A 34 -4.61 -0.93 -4.25
CA ARG A 34 -4.40 0.04 -5.30
C ARG A 34 -3.66 1.26 -4.76
N ASP A 35 -4.00 1.62 -3.53
CA ASP A 35 -3.38 2.76 -2.89
C ASP A 35 -1.90 2.47 -2.64
N LEU A 36 -1.64 1.24 -2.24
CA LEU A 36 -0.27 0.81 -1.97
C LEU A 36 0.54 0.90 -3.26
N ALA A 37 -0.11 0.57 -4.36
CA ALA A 37 0.54 0.59 -5.66
C ALA A 37 1.01 2.02 -5.95
N LYS A 38 0.30 2.98 -5.37
CA LYS A 38 0.65 4.38 -5.56
C LYS A 38 2.00 4.67 -4.90
N THR A 39 2.23 4.01 -3.78
CA THR A 39 3.47 4.19 -3.05
C THR A 39 4.14 2.83 -2.82
N GLY A 40 3.62 2.11 -1.84
CA GLY A 40 4.15 0.80 -1.51
C GLY A 40 4.76 0.81 -0.10
N CYS A 41 4.33 1.76 0.70
CA CYS A 41 4.82 1.89 2.06
C CYS A 41 3.61 1.96 3.00
N VAL A 42 3.37 0.85 3.68
CA VAL A 42 2.25 0.77 4.61
C VAL A 42 2.17 2.07 5.41
N ASP A 43 3.35 2.55 5.82
CA ASP A 43 3.42 3.78 6.58
C ASP A 43 2.83 4.93 5.77
N LEU A 44 3.42 5.16 4.61
CA LEU A 44 2.96 6.22 3.72
C LEU A 44 1.42 6.19 3.67
N THR A 45 0.90 5.03 3.35
CA THR A 45 -0.55 4.86 3.25
C THR A 45 -1.25 5.58 4.41
N ILE A 46 -0.90 5.15 5.61
CA ILE A 46 -1.48 5.73 6.81
C ILE A 46 -1.59 7.25 6.62
N THR A 47 -0.47 7.86 6.27
CA THR A 47 -0.43 9.30 6.06
C THR A 47 -1.25 9.67 4.84
N ASN A 48 -0.98 8.98 3.74
CA ASN A 48 -1.69 9.25 2.50
C ASN A 48 -3.19 9.37 2.79
N LEU A 49 -3.70 8.39 3.52
CA LEU A 49 -5.11 8.38 3.87
C LEU A 49 -5.50 9.74 4.43
N LEU A 50 -4.57 10.33 5.17
CA LEU A 50 -4.81 11.63 5.77
C LEU A 50 -4.45 12.73 4.76
N GLU A 51 -3.17 12.79 4.44
CA GLU A 51 -2.68 13.78 3.50
C GLU A 51 -3.59 13.83 2.26
N GLY A 52 -3.26 13.00 1.28
CA GLY A 52 -4.04 12.95 0.06
C GLY A 52 -3.14 13.09 -1.16
N ALA A 53 -2.11 12.25 -1.20
CA ALA A 53 -1.17 12.26 -2.31
C ALA A 53 -1.77 11.49 -3.49
N VAL A 54 -1.32 10.25 -3.63
CA VAL A 54 -1.80 9.40 -4.71
C VAL A 54 -1.34 9.98 -6.06
N ALA A 55 -0.62 9.15 -6.80
CA ALA A 55 -0.12 9.58 -8.09
C ALA A 55 -1.26 10.19 -8.91
N PHE A 56 -1.05 11.43 -9.32
CA PHE A 56 -2.04 12.15 -10.10
C PHE A 56 -2.09 11.63 -11.54
N MET A 57 -1.16 10.74 -11.84
CA MET A 57 -1.09 10.16 -13.17
C MET A 57 -1.34 11.23 -14.25
N PRO A 58 -0.23 11.86 -14.69
CA PRO A 58 -0.32 12.89 -15.71
C PRO A 58 -0.58 12.28 -17.10
N GLU A 59 -1.59 12.81 -17.76
CA GLU A 59 -1.95 12.32 -19.08
C GLU A 59 -0.69 12.07 -19.91
N ASP A 60 -0.80 11.14 -20.85
CA ASP A 60 0.31 10.79 -21.71
C ASP A 60 1.28 9.89 -20.94
N ILE A 61 1.61 8.77 -21.57
CA ILE A 61 2.52 7.81 -20.97
C ILE A 61 3.73 8.55 -20.40
N GLY A 1 13.44 -19.83 9.68
CA GLY A 1 12.09 -19.50 9.27
C GLY A 1 12.07 -18.28 8.35
N SER A 2 10.87 -17.84 8.02
CA SER A 2 10.70 -16.69 7.15
C SER A 2 11.11 -17.05 5.72
N SER A 3 12.38 -17.37 5.58
CA SER A 3 12.90 -17.74 4.27
C SER A 3 12.78 -16.56 3.30
N GLY A 4 13.74 -16.47 2.39
CA GLY A 4 13.74 -15.41 1.40
C GLY A 4 12.85 -15.77 0.21
N SER A 5 11.60 -15.34 0.29
CA SER A 5 10.65 -15.61 -0.78
C SER A 5 10.52 -14.38 -1.68
N SER A 6 11.01 -14.54 -2.91
CA SER A 6 10.95 -13.46 -3.88
C SER A 6 11.79 -12.28 -3.40
N GLY A 7 12.62 -11.77 -4.29
CA GLY A 7 13.48 -10.64 -3.96
C GLY A 7 13.00 -9.37 -4.66
N SER A 8 12.45 -8.47 -3.87
CA SER A 8 11.95 -7.21 -4.41
C SER A 8 11.67 -6.23 -3.26
N PRO A 9 11.82 -4.91 -3.59
CA PRO A 9 11.59 -3.87 -2.60
C PRO A 9 10.08 -3.68 -2.36
N ASP A 10 9.53 -4.57 -1.54
CA ASP A 10 8.12 -4.50 -1.22
C ASP A 10 7.78 -5.61 -0.22
N VAL A 11 6.93 -5.25 0.73
CA VAL A 11 6.52 -6.21 1.75
C VAL A 11 5.21 -6.87 1.32
N GLN A 12 5.10 -7.11 0.02
CA GLN A 12 3.92 -7.74 -0.52
C GLN A 12 2.67 -6.91 -0.19
N LEU A 13 1.59 -7.20 -0.92
CA LEU A 13 0.35 -6.48 -0.72
C LEU A 13 -0.45 -7.17 0.39
N ALA A 14 -0.67 -8.47 0.21
CA ALA A 14 -1.41 -9.24 1.19
C ALA A 14 -1.00 -8.82 2.60
N THR A 15 0.30 -8.89 2.85
CA THR A 15 0.83 -8.50 4.14
C THR A 15 0.47 -7.06 4.47
N LEU A 16 1.01 -6.15 3.67
CA LEU A 16 0.76 -4.74 3.85
C LEU A 16 -0.74 -4.52 4.09
N ALA A 17 -1.52 -4.82 3.08
CA ALA A 17 -2.97 -4.67 3.17
C ALA A 17 -3.43 -5.10 4.56
N GLN A 18 -2.79 -6.14 5.06
CA GLN A 18 -3.13 -6.67 6.38
C GLN A 18 -2.88 -5.61 7.45
N ARG A 19 -1.68 -5.05 7.42
CA ARG A 19 -1.31 -4.03 8.38
C ARG A 19 -2.16 -2.76 8.16
N VAL A 20 -1.91 -2.11 7.04
CA VAL A 20 -2.63 -0.90 6.70
C VAL A 20 -4.10 -1.05 7.11
N LYS A 21 -4.62 -2.24 6.84
CA LYS A 21 -6.01 -2.53 7.16
C LYS A 21 -6.16 -2.67 8.68
N GLU A 22 -5.26 -3.44 9.27
CA GLU A 22 -5.29 -3.64 10.70
C GLU A 22 -5.42 -2.31 11.43
N VAL A 23 -4.70 -1.32 10.94
CA VAL A 23 -4.73 0.01 11.53
C VAL A 23 -6.06 0.68 11.16
N LEU A 24 -6.46 0.49 9.91
CA LEU A 24 -7.70 1.09 9.43
C LEU A 24 -8.51 0.01 8.69
N PRO A 25 -9.38 -0.68 9.47
CA PRO A 25 -10.22 -1.72 8.90
C PRO A 25 -11.36 -1.12 8.09
N HIS A 26 -11.70 0.11 8.42
CA HIS A 26 -12.77 0.81 7.73
C HIS A 26 -12.51 0.80 6.22
N VAL A 27 -11.39 1.42 5.84
CA VAL A 27 -11.01 1.48 4.44
C VAL A 27 -11.06 0.08 3.83
N PRO A 28 -11.50 0.01 2.55
CA PRO A 28 -11.59 -1.25 1.85
C PRO A 28 -10.22 -1.76 1.43
N LEU A 29 -10.17 -3.02 1.07
CA LEU A 29 -8.92 -3.63 0.64
C LEU A 29 -8.66 -3.28 -0.83
N GLY A 30 -9.72 -3.34 -1.61
CA GLY A 30 -9.62 -3.03 -3.03
C GLY A 30 -8.88 -1.71 -3.25
N VAL A 31 -9.25 -0.73 -2.44
CA VAL A 31 -8.63 0.59 -2.55
C VAL A 31 -7.21 0.52 -1.97
N ILE A 32 -7.11 -0.07 -0.80
CA ILE A 32 -5.82 -0.21 -0.13
C ILE A 32 -4.82 -0.83 -1.10
N GLN A 33 -5.23 -1.94 -1.70
CA GLN A 33 -4.38 -2.64 -2.64
C GLN A 33 -3.85 -1.67 -3.70
N ARG A 34 -4.72 -0.77 -4.12
CA ARG A 34 -4.35 0.22 -5.12
C ARG A 34 -3.51 1.33 -4.49
N ASP A 35 -3.94 1.75 -3.32
CA ASP A 35 -3.24 2.81 -2.60
C ASP A 35 -1.79 2.39 -2.38
N LEU A 36 -1.61 1.09 -2.16
CA LEU A 36 -0.27 0.55 -1.94
C LEU A 36 0.57 0.74 -3.20
N ALA A 37 0.00 0.29 -4.31
CA ALA A 37 0.69 0.40 -5.59
C ALA A 37 1.01 1.88 -5.88
N LYS A 38 0.24 2.74 -5.23
CA LYS A 38 0.41 4.17 -5.40
C LYS A 38 1.77 4.58 -4.82
N THR A 39 2.16 3.88 -3.77
CA THR A 39 3.43 4.16 -3.11
C THR A 39 4.14 2.85 -2.73
N GLY A 40 3.64 2.25 -1.67
CA GLY A 40 4.20 1.00 -1.18
C GLY A 40 4.80 1.16 0.22
N CYS A 41 4.15 2.00 1.01
CA CYS A 41 4.60 2.26 2.36
C CYS A 41 3.38 2.50 3.24
N VAL A 42 3.11 1.53 4.10
CA VAL A 42 1.97 1.62 5.00
C VAL A 42 1.85 3.05 5.53
N ASP A 43 2.95 3.52 6.12
CA ASP A 43 2.99 4.86 6.67
C ASP A 43 2.36 5.84 5.68
N LEU A 44 2.76 5.70 4.41
CA LEU A 44 2.25 6.55 3.36
C LEU A 44 0.74 6.28 3.18
N THR A 45 0.42 5.01 3.02
CA THR A 45 -0.96 4.61 2.83
C THR A 45 -1.86 5.30 3.86
N ILE A 46 -1.44 5.23 5.11
CA ILE A 46 -2.20 5.83 6.19
C ILE A 46 -2.54 7.27 5.81
N THR A 47 -1.50 8.02 5.46
CA THR A 47 -1.68 9.42 5.07
C THR A 47 -2.49 9.51 3.78
N ASN A 48 -2.06 8.74 2.79
CA ASN A 48 -2.72 8.73 1.50
C ASN A 48 -4.24 8.68 1.72
N LEU A 49 -4.63 7.91 2.71
CA LEU A 49 -6.05 7.76 3.04
C LEU A 49 -6.60 9.11 3.52
N LEU A 50 -5.89 9.68 4.48
CA LEU A 50 -6.29 10.96 5.04
C LEU A 50 -6.58 11.94 3.90
N GLU A 51 -5.52 12.30 3.19
CA GLU A 51 -5.63 13.22 2.08
C GLU A 51 -5.85 12.46 0.77
N GLY A 52 -4.73 12.02 0.19
CA GLY A 52 -4.78 11.28 -1.06
C GLY A 52 -3.42 10.66 -1.38
N ALA A 53 -2.53 11.51 -1.86
CA ALA A 53 -1.18 11.06 -2.22
C ALA A 53 -1.28 9.94 -3.26
N VAL A 54 -1.68 10.32 -4.46
CA VAL A 54 -1.81 9.36 -5.54
C VAL A 54 -1.07 9.87 -6.77
N ALA A 55 -0.15 9.04 -7.26
CA ALA A 55 0.64 9.40 -8.42
C ALA A 55 -0.11 8.96 -9.68
N PHE A 56 -1.04 9.79 -10.11
CA PHE A 56 -1.83 9.50 -11.29
C PHE A 56 -0.94 8.96 -12.42
N MET A 57 -1.54 8.17 -13.29
CA MET A 57 -0.83 7.59 -14.41
C MET A 57 -1.49 7.96 -15.74
N PRO A 58 -0.65 8.01 -16.81
CA PRO A 58 -1.14 8.35 -18.13
C PRO A 58 -1.91 7.18 -18.75
N GLU A 59 -2.65 7.49 -19.80
CA GLU A 59 -3.43 6.47 -20.49
C GLU A 59 -2.74 6.05 -21.78
N ASP A 60 -3.22 4.95 -22.35
CA ASP A 60 -2.65 4.43 -23.57
C ASP A 60 -1.16 4.22 -23.39
N ILE A 61 -0.77 3.95 -22.15
CA ILE A 61 0.62 3.72 -21.82
C ILE A 61 1.12 2.48 -22.57
N GLY A 1 21.24 -13.75 11.71
CA GLY A 1 19.99 -13.23 11.20
C GLY A 1 18.91 -13.19 12.29
N SER A 2 17.95 -12.32 12.08
CA SER A 2 16.86 -12.17 13.04
C SER A 2 15.95 -13.40 12.99
N SER A 3 16.15 -14.28 13.97
CA SER A 3 15.36 -15.49 14.05
C SER A 3 14.33 -15.38 15.19
N GLY A 4 13.37 -16.29 15.17
CA GLY A 4 12.34 -16.30 16.18
C GLY A 4 11.14 -17.16 15.74
N SER A 5 10.23 -16.52 15.03
CA SER A 5 9.05 -17.21 14.54
C SER A 5 8.46 -16.46 13.34
N SER A 6 9.07 -16.69 12.19
CA SER A 6 8.62 -16.05 10.97
C SER A 6 9.34 -16.66 9.76
N GLY A 7 8.55 -16.99 8.75
CA GLY A 7 9.09 -17.58 7.54
C GLY A 7 9.74 -16.51 6.65
N SER A 8 10.87 -16.00 7.12
CA SER A 8 11.58 -14.99 6.38
C SER A 8 10.76 -13.70 6.31
N PRO A 9 11.50 -12.55 6.25
CA PRO A 9 10.84 -11.25 6.19
C PRO A 9 10.25 -11.00 4.80
N ASP A 10 8.95 -11.23 4.69
CA ASP A 10 8.25 -11.04 3.43
C ASP A 10 7.30 -9.85 3.56
N VAL A 11 7.72 -8.73 2.98
CA VAL A 11 6.92 -7.52 3.02
C VAL A 11 5.98 -7.49 1.79
N GLN A 12 5.43 -8.65 1.48
CA GLN A 12 4.53 -8.77 0.35
C GLN A 12 3.33 -7.85 0.53
N LEU A 13 2.70 -7.51 -0.59
CA LEU A 13 1.54 -6.64 -0.56
C LEU A 13 0.56 -7.13 0.50
N ALA A 14 0.41 -8.45 0.57
CA ALA A 14 -0.48 -9.06 1.54
C ALA A 14 -0.10 -8.59 2.94
N THR A 15 1.19 -8.64 3.22
CA THR A 15 1.69 -8.22 4.52
C THR A 15 1.43 -6.73 4.74
N LEU A 16 1.06 -6.07 3.66
CA LEU A 16 0.77 -4.64 3.72
C LEU A 16 -0.72 -4.43 3.98
N ALA A 17 -1.52 -4.85 3.01
CA ALA A 17 -2.97 -4.71 3.11
C ALA A 17 -3.42 -5.23 4.49
N GLN A 18 -2.74 -6.29 4.93
CA GLN A 18 -3.07 -6.88 6.22
C GLN A 18 -2.82 -5.88 7.34
N ARG A 19 -1.76 -5.11 7.19
CA ARG A 19 -1.41 -4.12 8.19
C ARG A 19 -2.28 -2.87 8.03
N VAL A 20 -2.07 -2.17 6.93
CA VAL A 20 -2.84 -0.97 6.65
C VAL A 20 -4.30 -1.19 7.04
N LYS A 21 -4.78 -2.39 6.74
CA LYS A 21 -6.15 -2.74 7.05
C LYS A 21 -6.33 -2.83 8.56
N GLU A 22 -5.41 -3.55 9.19
CA GLU A 22 -5.44 -3.71 10.64
C GLU A 22 -5.49 -2.35 11.33
N VAL A 23 -4.65 -1.45 10.86
CA VAL A 23 -4.59 -0.11 11.41
C VAL A 23 -5.85 0.66 11.01
N LEU A 24 -6.28 0.42 9.79
CA LEU A 24 -7.47 1.08 9.27
C LEU A 24 -8.36 0.05 8.57
N PRO A 25 -9.29 -0.54 9.36
CA PRO A 25 -10.20 -1.54 8.83
C PRO A 25 -11.29 -0.89 7.98
N HIS A 26 -11.65 0.33 8.37
CA HIS A 26 -12.67 1.07 7.66
C HIS A 26 -12.41 1.00 6.15
N VAL A 27 -11.32 1.63 5.74
CA VAL A 27 -10.95 1.64 4.34
C VAL A 27 -11.06 0.23 3.77
N PRO A 28 -11.52 0.15 2.49
CA PRO A 28 -11.68 -1.12 1.82
C PRO A 28 -10.32 -1.69 1.40
N LEU A 29 -10.31 -3.01 1.20
CA LEU A 29 -9.09 -3.70 0.81
C LEU A 29 -8.79 -3.38 -0.65
N GLY A 30 -9.85 -3.36 -1.45
CA GLY A 30 -9.71 -3.07 -2.88
C GLY A 30 -8.86 -1.83 -3.10
N VAL A 31 -9.29 -0.73 -2.48
CA VAL A 31 -8.58 0.52 -2.61
C VAL A 31 -7.19 0.40 -1.96
N ILE A 32 -7.19 -0.12 -0.75
CA ILE A 32 -5.94 -0.31 -0.02
C ILE A 32 -4.89 -0.90 -0.96
N GLN A 33 -5.31 -1.92 -1.69
CA GLN A 33 -4.41 -2.58 -2.63
C GLN A 33 -3.83 -1.56 -3.62
N ARG A 34 -4.72 -0.71 -4.13
CA ARG A 34 -4.31 0.30 -5.08
C ARG A 34 -3.49 1.39 -4.38
N ASP A 35 -4.11 2.00 -3.38
CA ASP A 35 -3.45 3.05 -2.63
C ASP A 35 -2.03 2.61 -2.26
N LEU A 36 -1.87 1.29 -2.15
CA LEU A 36 -0.58 0.72 -1.82
C LEU A 36 0.35 0.82 -3.03
N ALA A 37 -0.11 0.27 -4.14
CA ALA A 37 0.66 0.29 -5.37
C ALA A 37 1.11 1.72 -5.66
N LYS A 38 0.30 2.67 -5.21
CA LYS A 38 0.60 4.07 -5.41
C LYS A 38 1.95 4.39 -4.78
N THR A 39 2.14 3.88 -3.57
CA THR A 39 3.38 4.10 -2.85
C THR A 39 4.09 2.78 -2.56
N GLY A 40 3.49 2.02 -1.65
CA GLY A 40 4.04 0.73 -1.28
C GLY A 40 4.59 0.76 0.15
N CYS A 41 4.22 1.81 0.86
CA CYS A 41 4.66 1.97 2.24
C CYS A 41 3.43 2.21 3.12
N VAL A 42 3.14 1.24 3.96
CA VAL A 42 2.01 1.34 4.86
C VAL A 42 1.91 2.75 5.42
N ASP A 43 3.03 3.19 6.01
CA ASP A 43 3.08 4.52 6.59
C ASP A 43 2.52 5.54 5.59
N LEU A 44 3.09 5.51 4.39
CA LEU A 44 2.66 6.42 3.35
C LEU A 44 1.14 6.28 3.15
N THR A 45 0.69 5.04 3.11
CA THR A 45 -0.72 4.76 2.93
C THR A 45 -1.55 5.45 4.02
N ILE A 46 -1.14 5.22 5.26
CA ILE A 46 -1.83 5.82 6.40
C ILE A 46 -2.19 7.27 6.06
N THR A 47 -1.24 7.96 5.44
CA THR A 47 -1.45 9.34 5.07
C THR A 47 -2.21 9.43 3.73
N ASN A 48 -1.72 8.67 2.77
CA ASN A 48 -2.35 8.64 1.46
C ASN A 48 -3.87 8.52 1.61
N LEU A 49 -4.27 7.70 2.57
CA LEU A 49 -5.68 7.49 2.83
C LEU A 49 -6.37 8.83 3.04
N LEU A 50 -5.80 9.61 3.95
CA LEU A 50 -6.35 10.93 4.26
C LEU A 50 -5.95 11.90 3.16
N GLU A 51 -4.66 12.19 3.09
CA GLU A 51 -4.14 13.10 2.08
C GLU A 51 -4.56 12.66 0.68
N GLY A 52 -3.78 11.75 0.12
CA GLY A 52 -4.07 11.24 -1.21
C GLY A 52 -2.81 10.66 -1.86
N ALA A 53 -2.08 11.54 -2.55
CA ALA A 53 -0.86 11.12 -3.23
C ALA A 53 -1.14 9.88 -4.07
N VAL A 54 -1.69 10.11 -5.25
CA VAL A 54 -2.02 9.02 -6.15
C VAL A 54 -1.60 9.41 -7.57
N ALA A 55 -0.86 8.52 -8.20
CA ALA A 55 -0.39 8.74 -9.56
C ALA A 55 -0.55 7.46 -10.38
N PHE A 56 -1.03 7.63 -11.60
CA PHE A 56 -1.23 6.51 -12.49
C PHE A 56 0.09 5.81 -12.80
N MET A 57 -0.02 4.54 -13.16
CA MET A 57 1.15 3.73 -13.48
C MET A 57 0.79 2.59 -14.43
N PRO A 58 1.81 2.17 -15.23
CA PRO A 58 1.62 1.08 -16.17
C PRO A 58 1.57 -0.27 -15.46
N GLU A 59 0.94 -1.23 -16.12
CA GLU A 59 0.82 -2.57 -15.56
C GLU A 59 1.69 -3.55 -16.35
N ASP A 60 2.36 -4.42 -15.60
CA ASP A 60 3.22 -5.41 -16.21
C ASP A 60 4.53 -4.75 -16.64
N ILE A 61 5.64 -5.35 -16.21
CA ILE A 61 6.95 -4.83 -16.53
C ILE A 61 7.29 -5.20 -17.99
N GLY A 1 18.43 -11.80 -6.15
CA GLY A 1 18.48 -12.71 -5.01
C GLY A 1 17.24 -12.56 -4.12
N SER A 2 16.11 -12.93 -4.70
CA SER A 2 14.85 -12.83 -3.97
C SER A 2 14.14 -14.19 -3.99
N SER A 3 14.18 -14.86 -2.86
CA SER A 3 13.55 -16.16 -2.73
C SER A 3 13.36 -16.52 -1.25
N GLY A 4 12.46 -17.45 -1.01
CA GLY A 4 12.16 -17.88 0.35
C GLY A 4 11.34 -19.17 0.35
N SER A 5 11.89 -20.17 1.01
CA SER A 5 11.22 -21.47 1.09
C SER A 5 10.99 -21.83 2.55
N SER A 6 9.75 -21.64 3.00
CA SER A 6 9.39 -21.95 4.37
C SER A 6 10.20 -21.09 5.33
N GLY A 7 9.54 -20.64 6.38
CA GLY A 7 10.19 -19.80 7.38
C GLY A 7 10.95 -18.64 6.73
N SER A 8 10.26 -17.52 6.63
CA SER A 8 10.85 -16.33 6.02
C SER A 8 9.83 -15.20 6.00
N PRO A 9 10.36 -13.94 6.07
CA PRO A 9 9.51 -12.77 6.05
C PRO A 9 8.97 -12.50 4.65
N ASP A 10 8.18 -11.43 4.54
CA ASP A 10 7.61 -11.06 3.26
C ASP A 10 6.75 -9.81 3.45
N VAL A 11 7.00 -8.82 2.60
CA VAL A 11 6.26 -7.57 2.66
C VAL A 11 5.37 -7.45 1.42
N GLN A 12 4.76 -8.56 1.04
CA GLN A 12 3.90 -8.60 -0.12
C GLN A 12 2.69 -7.69 0.10
N LEU A 13 1.97 -7.44 -0.99
CA LEU A 13 0.79 -6.59 -0.93
C LEU A 13 -0.13 -7.09 0.18
N ALA A 14 -0.52 -8.34 0.06
CA ALA A 14 -1.41 -8.94 1.05
C ALA A 14 -0.93 -8.58 2.45
N THR A 15 0.32 -8.95 2.74
CA THR A 15 0.91 -8.66 4.03
C THR A 15 0.74 -7.17 4.38
N LEU A 16 0.93 -6.34 3.38
CA LEU A 16 0.80 -4.90 3.56
C LEU A 16 -0.67 -4.56 3.83
N ALA A 17 -1.50 -4.82 2.83
CA ALA A 17 -2.91 -4.55 2.95
C ALA A 17 -3.39 -4.93 4.35
N GLN A 18 -2.73 -5.92 4.93
CA GLN A 18 -3.07 -6.38 6.26
C GLN A 18 -2.86 -5.25 7.28
N ARG A 19 -1.60 -5.00 7.57
CA ARG A 19 -1.25 -3.95 8.52
C ARG A 19 -2.10 -2.70 8.28
N VAL A 20 -1.87 -2.09 7.13
CA VAL A 20 -2.60 -0.89 6.76
C VAL A 20 -4.06 -1.04 7.17
N LYS A 21 -4.59 -2.24 6.91
CA LYS A 21 -5.97 -2.53 7.25
C LYS A 21 -6.13 -2.62 8.76
N GLU A 22 -5.20 -3.34 9.37
CA GLU A 22 -5.21 -3.51 10.81
C GLU A 22 -5.36 -2.15 11.51
N VAL A 23 -4.71 -1.16 10.93
CA VAL A 23 -4.76 0.19 11.48
C VAL A 23 -6.03 0.87 11.02
N LEU A 24 -6.46 0.53 9.82
CA LEU A 24 -7.67 1.10 9.25
C LEU A 24 -8.51 -0.02 8.62
N PRO A 25 -9.37 -0.64 9.47
CA PRO A 25 -10.23 -1.71 9.01
C PRO A 25 -11.39 -1.17 8.18
N HIS A 26 -11.73 0.09 8.45
CA HIS A 26 -12.82 0.73 7.74
C HIS A 26 -12.53 0.74 6.24
N VAL A 27 -11.39 1.32 5.90
CA VAL A 27 -10.98 1.40 4.50
C VAL A 27 -11.10 0.01 3.87
N PRO A 28 -11.52 0.01 2.58
CA PRO A 28 -11.68 -1.24 1.83
C PRO A 28 -10.32 -1.81 1.42
N LEU A 29 -10.33 -3.09 1.11
CA LEU A 29 -9.11 -3.77 0.69
C LEU A 29 -8.84 -3.48 -0.79
N GLY A 30 -9.93 -3.29 -1.53
CA GLY A 30 -9.83 -3.02 -2.94
C GLY A 30 -9.06 -1.72 -3.19
N VAL A 31 -9.42 -0.70 -2.42
CA VAL A 31 -8.77 0.59 -2.54
C VAL A 31 -7.31 0.49 -2.07
N ILE A 32 -7.15 -0.15 -0.93
CA ILE A 32 -5.82 -0.32 -0.36
C ILE A 32 -4.91 -0.96 -1.41
N GLN A 33 -5.32 -2.12 -1.88
CA GLN A 33 -4.55 -2.84 -2.88
C GLN A 33 -3.96 -1.86 -3.90
N ARG A 34 -4.69 -0.78 -4.13
CA ARG A 34 -4.25 0.23 -5.07
C ARG A 34 -3.40 1.29 -4.36
N ASP A 35 -3.98 1.85 -3.31
CA ASP A 35 -3.28 2.87 -2.54
C ASP A 35 -1.86 2.41 -2.26
N LEU A 36 -1.69 1.09 -2.18
CA LEU A 36 -0.39 0.51 -1.93
C LEU A 36 0.50 0.71 -3.15
N ALA A 37 0.00 0.25 -4.29
CA ALA A 37 0.74 0.36 -5.53
C ALA A 37 1.12 1.83 -5.76
N LYS A 38 0.39 2.71 -5.10
CA LYS A 38 0.63 4.14 -5.21
C LYS A 38 2.04 4.45 -4.71
N THR A 39 2.29 4.03 -3.47
CA THR A 39 3.58 4.26 -2.85
C THR A 39 4.25 2.93 -2.50
N GLY A 40 3.70 2.26 -1.51
CA GLY A 40 4.23 0.98 -1.08
C GLY A 40 4.84 1.07 0.32
N CYS A 41 4.30 2.00 1.10
CA CYS A 41 4.79 2.22 2.45
C CYS A 41 3.59 2.31 3.39
N VAL A 42 3.43 1.30 4.23
CA VAL A 42 2.33 1.27 5.17
C VAL A 42 2.16 2.65 5.80
N ASP A 43 3.27 3.18 6.28
CA ASP A 43 3.26 4.50 6.90
C ASP A 43 2.65 5.52 5.93
N LEU A 44 3.06 5.42 4.68
CA LEU A 44 2.57 6.31 3.66
C LEU A 44 1.06 6.07 3.45
N THR A 45 0.71 4.81 3.27
CA THR A 45 -0.68 4.44 3.08
C THR A 45 -1.58 5.22 4.03
N ILE A 46 -1.23 5.17 5.30
CA ILE A 46 -1.99 5.87 6.32
C ILE A 46 -2.36 7.27 5.81
N THR A 47 -1.31 8.05 5.55
CA THR A 47 -1.51 9.40 5.06
C THR A 47 -2.34 9.39 3.77
N ASN A 48 -1.88 8.62 2.80
CA ASN A 48 -2.56 8.51 1.53
C ASN A 48 -4.07 8.39 1.78
N LEU A 49 -4.42 7.48 2.67
CA LEU A 49 -5.82 7.26 3.01
C LEU A 49 -6.38 8.51 3.68
N LEU A 50 -5.60 9.04 4.61
CA LEU A 50 -6.00 10.24 5.33
C LEU A 50 -6.45 11.30 4.33
N GLU A 51 -5.49 11.79 3.55
CA GLU A 51 -5.76 12.81 2.56
C GLU A 51 -5.89 12.17 1.18
N GLY A 52 -4.74 11.99 0.53
CA GLY A 52 -4.71 11.40 -0.80
C GLY A 52 -3.36 10.76 -1.08
N ALA A 53 -2.37 11.61 -1.31
CA ALA A 53 -1.02 11.13 -1.59
C ALA A 53 -1.08 10.06 -2.68
N VAL A 54 -1.20 10.51 -3.92
CA VAL A 54 -1.27 9.61 -5.05
C VAL A 54 -0.35 10.11 -6.16
N ALA A 55 0.46 9.20 -6.67
CA ALA A 55 1.39 9.54 -7.74
C ALA A 55 0.98 8.82 -9.02
N PHE A 56 0.09 9.45 -9.77
CA PHE A 56 -0.39 8.88 -11.02
C PHE A 56 0.77 8.39 -11.88
N MET A 57 0.47 7.44 -12.76
CA MET A 57 1.47 6.88 -13.64
C MET A 57 1.22 7.31 -15.09
N PRO A 58 2.33 7.35 -15.87
CA PRO A 58 2.25 7.75 -17.28
C PRO A 58 1.66 6.61 -18.12
N GLU A 59 1.57 6.87 -19.42
CA GLU A 59 1.04 5.88 -20.34
C GLU A 59 2.10 5.50 -21.37
N ASP A 60 1.82 4.41 -22.07
CA ASP A 60 2.74 3.92 -23.09
C ASP A 60 1.96 3.64 -24.37
N ILE A 61 1.97 4.62 -25.26
CA ILE A 61 1.27 4.50 -26.52
C ILE A 61 2.06 3.55 -27.44
N GLY A 1 6.74 -10.56 -5.50
CA GLY A 1 7.56 -10.46 -4.30
C GLY A 1 9.04 -10.74 -4.61
N SER A 2 9.69 -9.74 -5.18
CA SER A 2 11.09 -9.87 -5.54
C SER A 2 11.26 -10.93 -6.62
N SER A 3 11.60 -10.46 -7.81
CA SER A 3 11.81 -11.36 -8.94
C SER A 3 13.19 -11.14 -9.55
N GLY A 4 14.10 -12.04 -9.22
CA GLY A 4 15.46 -11.95 -9.72
C GLY A 4 16.37 -11.21 -8.73
N SER A 5 17.57 -11.77 -8.55
CA SER A 5 18.53 -11.18 -7.63
C SER A 5 18.59 -9.67 -7.84
N SER A 6 18.17 -8.94 -6.82
CA SER A 6 18.18 -7.49 -6.87
C SER A 6 17.24 -7.00 -7.97
N GLY A 7 16.55 -5.91 -7.69
CA GLY A 7 15.62 -5.34 -8.65
C GLY A 7 14.58 -4.46 -7.95
N SER A 8 13.48 -5.10 -7.58
CA SER A 8 12.41 -4.39 -6.90
C SER A 8 11.80 -5.28 -5.82
N PRO A 9 12.32 -5.13 -4.57
CA PRO A 9 11.84 -5.91 -3.45
C PRO A 9 10.47 -5.40 -2.98
N ASP A 10 9.80 -6.23 -2.20
CA ASP A 10 8.49 -5.88 -1.67
C ASP A 10 8.00 -7.00 -0.76
N VAL A 11 7.31 -6.60 0.30
CA VAL A 11 6.77 -7.56 1.25
C VAL A 11 5.35 -7.95 0.83
N GLN A 12 5.18 -8.14 -0.47
CA GLN A 12 3.89 -8.51 -1.02
C GLN A 12 2.86 -7.42 -0.73
N LEU A 13 1.75 -7.49 -1.44
CA LEU A 13 0.68 -6.52 -1.28
C LEU A 13 -0.26 -6.99 -0.16
N ALA A 14 -0.76 -8.21 -0.32
CA ALA A 14 -1.67 -8.78 0.66
C ALA A 14 -1.13 -8.50 2.06
N THR A 15 0.05 -9.04 2.32
CA THR A 15 0.69 -8.86 3.62
C THR A 15 0.46 -7.44 4.14
N LEU A 16 0.88 -6.47 3.33
CA LEU A 16 0.71 -5.07 3.70
C LEU A 16 -0.75 -4.79 3.99
N ALA A 17 -1.60 -5.12 3.02
CA ALA A 17 -3.03 -4.91 3.16
C ALA A 17 -3.45 -5.26 4.58
N GLN A 18 -2.79 -6.28 5.14
CA GLN A 18 -3.09 -6.73 6.48
C GLN A 18 -2.81 -5.60 7.49
N ARG A 19 -1.59 -5.10 7.44
CA ARG A 19 -1.19 -4.02 8.33
C ARG A 19 -2.04 -2.78 8.08
N VAL A 20 -1.84 -2.18 6.92
CA VAL A 20 -2.58 -0.99 6.55
C VAL A 20 -4.03 -1.14 7.01
N LYS A 21 -4.57 -2.33 6.79
CA LYS A 21 -5.94 -2.61 7.18
C LYS A 21 -6.06 -2.55 8.70
N GLU A 22 -5.16 -3.25 9.37
CA GLU A 22 -5.15 -3.29 10.81
C GLU A 22 -5.27 -1.88 11.39
N VAL A 23 -4.49 -0.97 10.80
CA VAL A 23 -4.49 0.42 11.24
C VAL A 23 -5.84 1.04 10.89
N LEU A 24 -6.30 0.77 9.68
CA LEU A 24 -7.57 1.31 9.22
C LEU A 24 -8.39 0.18 8.58
N PRO A 25 -9.22 -0.47 9.42
CA PRO A 25 -10.06 -1.56 8.95
C PRO A 25 -11.24 -1.03 8.13
N HIS A 26 -11.57 0.23 8.37
CA HIS A 26 -12.68 0.86 7.66
C HIS A 26 -12.40 0.83 6.16
N VAL A 27 -11.29 1.46 5.79
CA VAL A 27 -10.90 1.52 4.39
C VAL A 27 -11.06 0.13 3.76
N PRO A 28 -11.51 0.14 2.47
CA PRO A 28 -11.70 -1.11 1.75
C PRO A 28 -10.36 -1.72 1.33
N LEU A 29 -10.43 -2.97 0.90
CA LEU A 29 -9.24 -3.67 0.47
C LEU A 29 -8.92 -3.29 -0.99
N GLY A 30 -9.95 -3.35 -1.82
CA GLY A 30 -9.79 -3.01 -3.22
C GLY A 30 -8.96 -1.73 -3.39
N VAL A 31 -9.28 -0.75 -2.56
CA VAL A 31 -8.57 0.52 -2.60
C VAL A 31 -7.18 0.35 -1.99
N ILE A 32 -7.16 -0.27 -0.82
CA ILE A 32 -5.91 -0.50 -0.12
C ILE A 32 -4.90 -1.11 -1.10
N GLN A 33 -5.26 -2.24 -1.67
CA GLN A 33 -4.40 -2.93 -2.60
C GLN A 33 -3.75 -1.92 -3.55
N ARG A 34 -4.57 -1.07 -4.13
CA ARG A 34 -4.09 -0.05 -5.05
C ARG A 34 -3.30 1.02 -4.30
N ASP A 35 -3.98 1.65 -3.35
CA ASP A 35 -3.36 2.69 -2.54
C ASP A 35 -1.92 2.28 -2.19
N LEU A 36 -1.78 0.99 -1.89
CA LEU A 36 -0.47 0.46 -1.54
C LEU A 36 0.52 0.74 -2.67
N ALA A 37 0.20 0.20 -3.84
CA ALA A 37 1.05 0.39 -5.00
C ALA A 37 1.26 1.88 -5.24
N LYS A 38 0.18 2.64 -5.04
CA LYS A 38 0.22 4.08 -5.23
C LYS A 38 1.52 4.63 -4.61
N THR A 39 1.76 4.23 -3.36
CA THR A 39 2.95 4.67 -2.66
C THR A 39 3.91 3.51 -2.45
N GLY A 40 3.53 2.61 -1.56
CA GLY A 40 4.35 1.46 -1.27
C GLY A 40 4.89 1.51 0.16
N CYS A 41 4.10 2.12 1.04
CA CYS A 41 4.49 2.25 2.43
C CYS A 41 3.22 2.37 3.27
N VAL A 42 2.97 1.32 4.04
CA VAL A 42 1.80 1.29 4.91
C VAL A 42 1.59 2.67 5.54
N ASP A 43 2.67 3.18 6.12
CA ASP A 43 2.62 4.48 6.76
C ASP A 43 2.15 5.52 5.76
N LEU A 44 2.87 5.61 4.66
CA LEU A 44 2.52 6.57 3.61
C LEU A 44 1.04 6.44 3.29
N THR A 45 0.61 5.21 3.07
CA THR A 45 -0.78 4.95 2.76
C THR A 45 -1.70 5.65 3.76
N ILE A 46 -1.50 5.33 5.02
CA ILE A 46 -2.31 5.92 6.07
C ILE A 46 -2.47 7.42 5.80
N THR A 47 -1.35 8.08 5.57
CA THR A 47 -1.37 9.51 5.31
C THR A 47 -2.03 9.79 3.95
N ASN A 48 -1.63 8.99 2.96
CA ASN A 48 -2.17 9.14 1.62
C ASN A 48 -3.69 9.11 1.69
N LEU A 49 -4.20 8.26 2.57
CA LEU A 49 -5.64 8.13 2.74
C LEU A 49 -6.23 9.47 3.20
N LEU A 50 -5.73 9.92 4.34
CA LEU A 50 -6.19 11.19 4.90
C LEU A 50 -6.03 12.29 3.85
N GLU A 51 -4.78 12.54 3.49
CA GLU A 51 -4.49 13.56 2.50
C GLU A 51 -5.33 13.35 1.24
N GLY A 52 -4.93 12.35 0.46
CA GLY A 52 -5.64 12.04 -0.76
C GLY A 52 -4.78 12.34 -1.99
N ALA A 53 -3.68 11.59 -2.11
CA ALA A 53 -2.77 11.76 -3.22
C ALA A 53 -3.17 10.81 -4.34
N VAL A 54 -2.44 9.70 -4.42
CA VAL A 54 -2.70 8.70 -5.44
C VAL A 54 -2.40 9.30 -6.82
N ALA A 55 -1.61 8.57 -7.58
CA ALA A 55 -1.24 9.02 -8.92
C ALA A 55 -2.50 9.15 -9.78
N PHE A 56 -2.66 10.35 -10.33
CA PHE A 56 -3.81 10.62 -11.18
C PHE A 56 -3.45 10.54 -12.66
N MET A 57 -4.47 10.54 -13.49
CA MET A 57 -4.27 10.46 -14.93
C MET A 57 -3.63 11.75 -15.46
N PRO A 58 -2.37 11.61 -15.94
CA PRO A 58 -1.65 12.75 -16.48
C PRO A 58 -2.16 13.12 -17.87
N GLU A 59 -2.93 14.21 -17.90
CA GLU A 59 -3.49 14.68 -19.16
C GLU A 59 -4.45 13.65 -19.73
N ASP A 60 -5.21 14.08 -20.72
CA ASP A 60 -6.18 13.20 -21.36
C ASP A 60 -7.24 12.76 -20.34
N ILE A 61 -8.48 13.03 -20.68
CA ILE A 61 -9.59 12.67 -19.80
C ILE A 61 -9.47 11.19 -19.42
N GLY A 1 -10.42 7.17 -15.76
CA GLY A 1 -9.50 7.87 -14.86
C GLY A 1 -8.31 6.98 -14.50
N SER A 2 -7.58 6.57 -15.53
CA SER A 2 -6.42 5.73 -15.34
C SER A 2 -6.84 4.39 -14.73
N SER A 3 -6.94 3.38 -15.60
CA SER A 3 -7.33 2.05 -15.16
C SER A 3 -6.57 1.00 -15.96
N GLY A 4 -5.88 0.13 -15.23
CA GLY A 4 -5.11 -0.92 -15.85
C GLY A 4 -4.80 -2.05 -14.86
N SER A 5 -3.84 -2.87 -15.22
CA SER A 5 -3.43 -3.98 -14.38
C SER A 5 -2.17 -3.62 -13.59
N SER A 6 -1.88 -4.43 -12.59
CA SER A 6 -0.70 -4.20 -11.76
C SER A 6 0.22 -5.42 -11.83
N GLY A 7 1.43 -5.24 -11.31
CA GLY A 7 2.41 -6.31 -11.30
C GLY A 7 3.79 -5.79 -10.90
N SER A 8 4.51 -6.61 -10.15
CA SER A 8 5.83 -6.24 -9.68
C SER A 8 6.53 -7.45 -9.06
N PRO A 9 7.88 -7.37 -8.99
CA PRO A 9 8.67 -8.45 -8.43
C PRO A 9 8.57 -8.46 -6.91
N ASP A 10 7.33 -8.55 -6.43
CA ASP A 10 7.08 -8.57 -5.00
C ASP A 10 5.57 -8.58 -4.75
N VAL A 11 5.13 -9.62 -4.06
CA VAL A 11 3.71 -9.77 -3.75
C VAL A 11 3.51 -9.59 -2.25
N GLN A 12 4.26 -8.66 -1.68
CA GLN A 12 4.17 -8.39 -0.26
C GLN A 12 2.96 -7.49 0.04
N LEU A 13 2.23 -7.18 -1.03
CA LEU A 13 1.05 -6.34 -0.90
C LEU A 13 0.17 -6.87 0.22
N ALA A 14 -0.18 -8.15 0.11
CA ALA A 14 -1.02 -8.79 1.10
C ALA A 14 -0.55 -8.39 2.50
N THR A 15 0.72 -8.70 2.77
CA THR A 15 1.30 -8.38 4.06
C THR A 15 1.01 -6.93 4.44
N LEU A 16 1.06 -6.07 3.43
CA LEU A 16 0.80 -4.65 3.64
C LEU A 16 -0.69 -4.44 3.92
N ALA A 17 -1.50 -4.78 2.94
CA ALA A 17 -2.95 -4.64 3.06
C ALA A 17 -3.36 -5.05 4.47
N GLN A 18 -2.64 -6.02 5.02
CA GLN A 18 -2.92 -6.52 6.35
C GLN A 18 -2.77 -5.39 7.38
N ARG A 19 -1.56 -4.83 7.42
CA ARG A 19 -1.27 -3.75 8.34
C ARG A 19 -2.22 -2.58 8.11
N VAL A 20 -2.06 -1.94 6.97
CA VAL A 20 -2.90 -0.81 6.61
C VAL A 20 -4.34 -1.10 7.03
N LYS A 21 -4.76 -2.33 6.80
CA LYS A 21 -6.10 -2.75 7.14
C LYS A 21 -6.24 -2.84 8.66
N GLU A 22 -5.23 -3.46 9.27
CA GLU A 22 -5.22 -3.62 10.71
C GLU A 22 -5.33 -2.26 11.41
N VAL A 23 -4.56 -1.31 10.88
CA VAL A 23 -4.55 0.04 11.43
C VAL A 23 -5.83 0.75 11.01
N LEU A 24 -6.23 0.51 9.77
CA LEU A 24 -7.44 1.13 9.24
C LEU A 24 -8.30 0.06 8.55
N PRO A 25 -9.21 -0.54 9.36
CA PRO A 25 -10.10 -1.57 8.85
C PRO A 25 -11.21 -0.97 7.98
N HIS A 26 -11.72 0.16 8.44
CA HIS A 26 -12.79 0.85 7.72
C HIS A 26 -12.51 0.79 6.22
N VAL A 27 -11.45 1.49 5.83
CA VAL A 27 -11.06 1.53 4.42
C VAL A 27 -11.14 0.12 3.84
N PRO A 28 -11.59 0.05 2.55
CA PRO A 28 -11.72 -1.22 1.87
C PRO A 28 -10.35 -1.76 1.46
N LEU A 29 -10.34 -3.01 1.01
CA LEU A 29 -9.12 -3.65 0.59
C LEU A 29 -8.84 -3.29 -0.88
N GLY A 30 -9.88 -3.38 -1.69
CA GLY A 30 -9.77 -3.06 -3.10
C GLY A 30 -9.01 -1.76 -3.31
N VAL A 31 -9.29 -0.80 -2.43
CA VAL A 31 -8.65 0.50 -2.51
C VAL A 31 -7.24 0.40 -1.92
N ILE A 32 -7.16 -0.24 -0.76
CA ILE A 32 -5.88 -0.41 -0.09
C ILE A 32 -4.85 -0.94 -1.08
N GLN A 33 -5.16 -2.09 -1.66
CA GLN A 33 -4.27 -2.71 -2.62
C GLN A 33 -3.83 -1.69 -3.67
N ARG A 34 -4.81 -0.96 -4.19
CA ARG A 34 -4.53 0.05 -5.20
C ARG A 34 -3.67 1.17 -4.60
N ASP A 35 -4.19 1.79 -3.55
CA ASP A 35 -3.48 2.87 -2.89
C ASP A 35 -2.01 2.47 -2.70
N LEU A 36 -1.83 1.31 -2.05
CA LEU A 36 -0.50 0.80 -1.80
C LEU A 36 0.35 0.95 -3.05
N ALA A 37 -0.17 0.42 -4.16
CA ALA A 37 0.53 0.49 -5.42
C ALA A 37 1.17 1.87 -5.58
N LYS A 38 0.47 2.87 -5.07
CA LYS A 38 0.95 4.24 -5.15
C LYS A 38 2.22 4.37 -4.31
N THR A 39 2.13 3.96 -3.06
CA THR A 39 3.27 4.03 -2.16
C THR A 39 4.00 2.68 -2.13
N GLY A 40 3.39 1.73 -1.46
CA GLY A 40 3.98 0.40 -1.35
C GLY A 40 4.89 0.30 -0.13
N CYS A 41 4.48 0.98 0.93
CA CYS A 41 5.25 0.99 2.17
C CYS A 41 4.33 1.42 3.30
N VAL A 42 4.04 0.46 4.17
CA VAL A 42 3.17 0.72 5.32
C VAL A 42 3.51 2.10 5.90
N ASP A 43 2.53 2.68 6.57
CA ASP A 43 2.70 3.98 7.18
C ASP A 43 2.50 5.07 6.12
N LEU A 44 3.26 4.93 5.03
CA LEU A 44 3.16 5.88 3.94
C LEU A 44 1.72 5.96 3.44
N THR A 45 1.07 4.81 3.48
CA THR A 45 -0.31 4.72 3.03
C THR A 45 -1.24 5.46 4.00
N ILE A 46 -1.09 5.13 5.27
CA ILE A 46 -1.90 5.75 6.31
C ILE A 46 -1.97 7.26 6.05
N THR A 47 -0.84 7.92 6.22
CA THR A 47 -0.75 9.35 6.01
C THR A 47 -1.40 9.73 4.67
N ASN A 48 -0.95 9.05 3.62
CA ASN A 48 -1.47 9.31 2.29
C ASN A 48 -3.00 9.30 2.33
N LEU A 49 -3.53 8.37 3.11
CA LEU A 49 -4.98 8.26 3.24
C LEU A 49 -5.55 9.60 3.71
N LEU A 50 -4.78 10.29 4.53
CA LEU A 50 -5.20 11.58 5.05
C LEU A 50 -4.64 12.68 4.16
N GLU A 51 -3.32 12.83 4.19
CA GLU A 51 -2.65 13.84 3.39
C GLU A 51 -2.83 13.54 1.90
N GLY A 52 -1.85 12.83 1.35
CA GLY A 52 -1.88 12.48 -0.05
C GLY A 52 -0.60 11.77 -0.47
N ALA A 53 0.29 12.53 -1.10
CA ALA A 53 1.56 11.98 -1.55
C ALA A 53 1.30 10.77 -2.43
N VAL A 54 0.68 11.01 -3.57
CA VAL A 54 0.37 9.95 -4.50
C VAL A 54 0.94 10.30 -5.88
N ALA A 55 1.25 9.25 -6.64
CA ALA A 55 1.82 9.43 -7.97
C ALA A 55 2.09 8.06 -8.59
N PHE A 56 1.94 8.00 -9.91
CA PHE A 56 2.17 6.76 -10.63
C PHE A 56 3.66 6.43 -10.69
N MET A 57 3.94 5.14 -10.77
CA MET A 57 5.32 4.68 -10.83
C MET A 57 5.81 4.62 -12.28
N PRO A 58 7.15 4.78 -12.44
CA PRO A 58 7.76 4.75 -13.76
C PRO A 58 7.83 3.32 -14.29
N GLU A 59 7.94 3.22 -15.61
CA GLU A 59 8.02 1.92 -16.25
C GLU A 59 6.83 1.04 -15.85
N ASP A 60 6.66 -0.06 -16.58
CA ASP A 60 5.57 -0.97 -16.30
C ASP A 60 5.29 -1.81 -17.55
N ILE A 61 5.18 -3.11 -17.34
CA ILE A 61 4.92 -4.04 -18.43
C ILE A 61 3.41 -4.17 -18.62
N GLY A 1 9.19 -9.56 11.75
CA GLY A 1 10.39 -9.15 11.05
C GLY A 1 10.39 -9.66 9.60
N SER A 2 10.49 -8.71 8.68
CA SER A 2 10.50 -9.05 7.27
C SER A 2 10.99 -7.85 6.45
N SER A 3 12.24 -7.95 6.01
CA SER A 3 12.84 -6.88 5.23
C SER A 3 12.65 -7.18 3.73
N GLY A 4 12.61 -6.11 2.95
CA GLY A 4 12.44 -6.23 1.52
C GLY A 4 13.21 -5.13 0.78
N SER A 5 13.70 -5.49 -0.40
CA SER A 5 14.45 -4.55 -1.21
C SER A 5 15.67 -4.04 -0.44
N SER A 6 16.70 -4.87 -0.40
CA SER A 6 17.92 -4.51 0.30
C SER A 6 17.59 -3.82 1.62
N GLY A 7 17.34 -4.64 2.64
CA GLY A 7 17.00 -4.12 3.94
C GLY A 7 16.09 -2.90 3.85
N SER A 8 14.79 -3.16 3.88
CA SER A 8 13.80 -2.10 3.79
C SER A 8 12.44 -2.61 4.24
N PRO A 9 11.62 -1.67 4.80
CA PRO A 9 10.30 -2.01 5.27
C PRO A 9 9.33 -2.20 4.10
N ASP A 10 9.33 -3.42 3.57
CA ASP A 10 8.46 -3.74 2.46
C ASP A 10 8.37 -5.26 2.31
N VAL A 11 7.14 -5.75 2.21
CA VAL A 11 6.91 -7.17 2.07
C VAL A 11 6.03 -7.42 0.84
N GLN A 12 4.86 -7.99 1.09
CA GLN A 12 3.93 -8.29 0.02
C GLN A 12 2.61 -7.53 0.23
N LEU A 13 1.95 -7.24 -0.86
CA LEU A 13 0.68 -6.52 -0.82
C LEU A 13 -0.16 -7.08 0.34
N ALA A 14 -0.48 -8.36 0.23
CA ALA A 14 -1.27 -9.01 1.25
C ALA A 14 -0.80 -8.57 2.64
N THR A 15 0.46 -8.85 2.91
CA THR A 15 1.05 -8.49 4.19
C THR A 15 0.74 -7.03 4.52
N LEU A 16 0.94 -6.18 3.53
CA LEU A 16 0.68 -4.75 3.70
C LEU A 16 -0.81 -4.54 3.97
N ALA A 17 -1.61 -4.84 2.96
CA ALA A 17 -3.05 -4.68 3.07
C ALA A 17 -3.49 -5.13 4.47
N GLN A 18 -2.89 -6.21 4.94
CA GLN A 18 -3.21 -6.76 6.24
C GLN A 18 -2.92 -5.72 7.33
N ARG A 19 -1.71 -5.17 7.27
CA ARG A 19 -1.30 -4.16 8.25
C ARG A 19 -2.13 -2.89 8.07
N VAL A 20 -1.91 -2.22 6.96
CA VAL A 20 -2.63 -0.99 6.67
C VAL A 20 -4.09 -1.14 7.10
N LYS A 21 -4.62 -2.33 6.86
CA LYS A 21 -6.00 -2.62 7.21
C LYS A 21 -6.13 -2.63 8.73
N GLU A 22 -5.28 -3.43 9.37
CA GLU A 22 -5.30 -3.54 10.81
C GLU A 22 -5.46 -2.17 11.46
N VAL A 23 -4.70 -1.21 10.95
CA VAL A 23 -4.75 0.15 11.46
C VAL A 23 -6.09 0.78 11.08
N LEU A 24 -6.43 0.64 9.81
CA LEU A 24 -7.68 1.19 9.30
C LEU A 24 -8.50 0.07 8.66
N PRO A 25 -9.36 -0.56 9.50
CA PRO A 25 -10.21 -1.65 9.03
C PRO A 25 -11.37 -1.11 8.19
N HIS A 26 -11.67 0.17 8.40
CA HIS A 26 -12.75 0.80 7.68
C HIS A 26 -12.43 0.80 6.17
N VAL A 27 -11.30 1.40 5.84
CA VAL A 27 -10.88 1.46 4.45
C VAL A 27 -11.01 0.08 3.81
N PRO A 28 -11.47 0.08 2.52
CA PRO A 28 -11.64 -1.16 1.79
C PRO A 28 -10.29 -1.73 1.36
N LEU A 29 -10.32 -3.01 1.00
CA LEU A 29 -9.11 -3.70 0.56
C LEU A 29 -8.81 -3.33 -0.88
N GLY A 30 -9.87 -3.27 -1.68
CA GLY A 30 -9.74 -2.93 -3.08
C GLY A 30 -8.92 -1.65 -3.26
N VAL A 31 -9.23 -0.67 -2.43
CA VAL A 31 -8.52 0.61 -2.49
C VAL A 31 -7.13 0.45 -1.86
N ILE A 32 -7.11 -0.18 -0.70
CA ILE A 32 -5.87 -0.40 0.01
C ILE A 32 -4.84 -1.02 -0.95
N GLN A 33 -5.30 -2.01 -1.70
CA GLN A 33 -4.44 -2.68 -2.67
C GLN A 33 -3.85 -1.68 -3.65
N ARG A 34 -4.72 -0.81 -4.15
CA ARG A 34 -4.30 0.19 -5.11
C ARG A 34 -3.40 1.23 -4.42
N ASP A 35 -3.95 1.84 -3.38
CA ASP A 35 -3.22 2.84 -2.62
C ASP A 35 -1.79 2.34 -2.36
N LEU A 36 -1.71 1.07 -1.97
CA LEU A 36 -0.42 0.47 -1.69
C LEU A 36 0.52 0.69 -2.88
N ALA A 37 0.08 0.19 -4.04
CA ALA A 37 0.88 0.34 -5.25
C ALA A 37 1.14 1.82 -5.51
N LYS A 38 0.12 2.63 -5.27
CA LYS A 38 0.24 4.06 -5.48
C LYS A 38 1.55 4.55 -4.87
N THR A 39 1.97 3.86 -3.82
CA THR A 39 3.21 4.22 -3.14
C THR A 39 4.04 2.97 -2.87
N GLY A 40 3.94 2.48 -1.64
CA GLY A 40 4.67 1.29 -1.24
C GLY A 40 5.26 1.46 0.16
N CYS A 41 4.43 1.97 1.06
CA CYS A 41 4.86 2.19 2.43
C CYS A 41 3.61 2.33 3.30
N VAL A 42 3.43 1.36 4.20
CA VAL A 42 2.29 1.36 5.09
C VAL A 42 2.04 2.79 5.59
N ASP A 43 3.11 3.40 6.08
CA ASP A 43 3.03 4.75 6.61
C ASP A 43 2.40 5.66 5.54
N LEU A 44 2.99 5.62 4.35
CA LEU A 44 2.49 6.43 3.25
C LEU A 44 0.99 6.21 3.10
N THR A 45 0.61 4.95 2.97
CA THR A 45 -0.79 4.60 2.81
C THR A 45 -1.65 5.41 3.78
N ILE A 46 -1.32 5.29 5.05
CA ILE A 46 -2.06 6.00 6.09
C ILE A 46 -2.29 7.44 5.64
N THR A 47 -1.19 8.17 5.51
CA THR A 47 -1.26 9.55 5.09
C THR A 47 -2.04 9.68 3.78
N ASN A 48 -1.58 8.94 2.78
CA ASN A 48 -2.22 8.97 1.48
C ASN A 48 -3.74 8.96 1.67
N LEU A 49 -4.20 8.03 2.51
CA LEU A 49 -5.62 7.91 2.78
C LEU A 49 -6.16 9.25 3.27
N LEU A 50 -5.59 9.71 4.37
CA LEU A 50 -6.00 10.97 4.96
C LEU A 50 -5.86 12.08 3.91
N GLU A 51 -4.61 12.35 3.54
CA GLU A 51 -4.33 13.37 2.56
C GLU A 51 -5.15 13.14 1.29
N GLY A 52 -4.67 12.20 0.48
CA GLY A 52 -5.34 11.87 -0.77
C GLY A 52 -4.45 12.17 -1.97
N ALA A 53 -3.35 11.44 -2.06
CA ALA A 53 -2.42 11.61 -3.16
C ALA A 53 -2.85 10.75 -4.34
N VAL A 54 -2.19 9.61 -4.48
CA VAL A 54 -2.49 8.70 -5.55
C VAL A 54 -2.16 9.36 -6.89
N ALA A 55 -1.49 8.60 -7.75
CA ALA A 55 -1.11 9.11 -9.05
C ALA A 55 -2.06 8.53 -10.11
N PHE A 56 -2.53 9.43 -10.97
CA PHE A 56 -3.45 9.04 -12.03
C PHE A 56 -2.68 8.51 -13.26
N MET A 57 -1.36 8.64 -13.19
CA MET A 57 -0.52 8.19 -14.28
C MET A 57 -1.12 8.57 -15.63
N PRO A 58 -0.73 9.76 -16.13
CA PRO A 58 -1.22 10.25 -17.40
C PRO A 58 -0.55 9.52 -18.57
N GLU A 59 -1.36 9.19 -19.57
CA GLU A 59 -0.86 8.49 -20.73
C GLU A 59 0.31 9.25 -21.36
N ASP A 60 1.27 8.50 -21.86
CA ASP A 60 2.45 9.09 -22.48
C ASP A 60 3.22 8.00 -23.23
N ILE A 61 3.20 8.10 -24.54
CA ILE A 61 3.90 7.14 -25.39
C ILE A 61 5.29 7.67 -25.72
N GLY A 1 3.11 -24.07 12.03
CA GLY A 1 1.72 -23.82 11.75
C GLY A 1 1.10 -24.94 10.91
N SER A 2 1.05 -24.70 9.61
CA SER A 2 0.50 -25.68 8.68
C SER A 2 1.58 -26.14 7.70
N SER A 3 1.73 -27.44 7.60
CA SER A 3 2.72 -28.02 6.71
C SER A 3 2.54 -27.44 5.30
N GLY A 4 3.46 -26.56 4.94
CA GLY A 4 3.42 -25.93 3.63
C GLY A 4 4.80 -25.43 3.22
N SER A 5 4.85 -24.78 2.06
CA SER A 5 6.10 -24.25 1.55
C SER A 5 6.13 -22.73 1.71
N SER A 6 7.08 -22.27 2.50
CA SER A 6 7.23 -20.84 2.75
C SER A 6 8.71 -20.48 2.85
N GLY A 7 8.97 -19.18 2.85
CA GLY A 7 10.33 -18.69 2.94
C GLY A 7 10.58 -18.01 4.29
N SER A 8 10.03 -16.82 4.42
CA SER A 8 10.19 -16.06 5.65
C SER A 8 9.86 -14.58 5.40
N PRO A 9 10.53 -14.02 4.36
CA PRO A 9 10.31 -12.62 4.00
C PRO A 9 8.97 -12.44 3.30
N ASP A 10 7.95 -12.17 4.10
CA ASP A 10 6.61 -11.97 3.57
C ASP A 10 6.29 -10.48 3.56
N VAL A 11 6.49 -9.87 2.41
CA VAL A 11 6.22 -8.44 2.25
C VAL A 11 5.39 -8.21 0.99
N GLN A 12 4.43 -9.11 0.78
CA GLN A 12 3.57 -9.02 -0.39
C GLN A 12 2.36 -8.13 -0.08
N LEU A 13 1.78 -7.59 -1.14
CA LEU A 13 0.62 -6.73 -1.00
C LEU A 13 -0.30 -7.30 0.08
N ALA A 14 -0.63 -8.58 -0.08
CA ALA A 14 -1.50 -9.25 0.87
C ALA A 14 -1.14 -8.82 2.29
N THR A 15 0.11 -9.11 2.65
CA THR A 15 0.60 -8.77 3.98
C THR A 15 0.33 -7.29 4.28
N LEU A 16 0.86 -6.44 3.42
CA LEU A 16 0.69 -5.00 3.58
C LEU A 16 -0.78 -4.70 3.85
N ALA A 17 -1.60 -4.97 2.84
CA ALA A 17 -3.03 -4.73 2.96
C ALA A 17 -3.50 -5.14 4.35
N GLN A 18 -2.92 -6.22 4.85
CA GLN A 18 -3.27 -6.72 6.17
C GLN A 18 -2.95 -5.67 7.23
N ARG A 19 -1.72 -5.20 7.20
CA ARG A 19 -1.28 -4.20 8.16
C ARG A 19 -2.07 -2.89 7.97
N VAL A 20 -1.82 -2.26 6.83
CA VAL A 20 -2.50 -1.01 6.51
C VAL A 20 -3.97 -1.11 6.94
N LYS A 21 -4.54 -2.28 6.70
CA LYS A 21 -5.93 -2.51 7.05
C LYS A 21 -6.08 -2.51 8.57
N GLU A 22 -5.22 -3.28 9.22
CA GLU A 22 -5.24 -3.38 10.66
C GLU A 22 -5.37 -1.98 11.29
N VAL A 23 -4.54 -1.07 10.79
CA VAL A 23 -4.55 0.30 11.28
C VAL A 23 -5.84 0.97 10.86
N LEU A 24 -6.18 0.81 9.58
CA LEU A 24 -7.38 1.40 9.04
C LEU A 24 -8.26 0.31 8.44
N PRO A 25 -9.16 -0.24 9.29
CA PRO A 25 -10.06 -1.29 8.86
C PRO A 25 -11.19 -0.73 7.98
N HIS A 26 -11.69 0.42 8.40
CA HIS A 26 -12.77 1.07 7.66
C HIS A 26 -12.50 0.96 6.16
N VAL A 27 -11.39 1.57 5.74
CA VAL A 27 -11.02 1.56 4.35
C VAL A 27 -11.08 0.12 3.83
N PRO A 28 -11.53 -0.01 2.55
CA PRO A 28 -11.63 -1.33 1.92
C PRO A 28 -10.25 -1.85 1.53
N LEU A 29 -10.20 -3.15 1.28
CA LEU A 29 -8.96 -3.80 0.89
C LEU A 29 -8.70 -3.54 -0.60
N GLY A 30 -9.78 -3.60 -1.37
CA GLY A 30 -9.68 -3.38 -2.81
C GLY A 30 -8.91 -2.09 -3.11
N VAL A 31 -9.29 -1.04 -2.41
CA VAL A 31 -8.66 0.26 -2.59
C VAL A 31 -7.25 0.22 -1.99
N ILE A 32 -7.17 -0.27 -0.76
CA ILE A 32 -5.90 -0.37 -0.07
C ILE A 32 -4.85 -0.96 -1.02
N GLN A 33 -5.21 -2.08 -1.64
CA GLN A 33 -4.32 -2.75 -2.57
C GLN A 33 -3.70 -1.73 -3.53
N ARG A 34 -4.57 -1.09 -4.30
CA ARG A 34 -4.11 -0.10 -5.26
C ARG A 34 -3.40 1.05 -4.54
N ASP A 35 -3.95 1.43 -3.40
CA ASP A 35 -3.37 2.50 -2.61
C ASP A 35 -1.92 2.15 -2.26
N LEU A 36 -1.70 0.87 -2.01
CA LEU A 36 -0.38 0.40 -1.65
C LEU A 36 0.55 0.56 -2.86
N ALA A 37 -0.05 0.59 -4.04
CA ALA A 37 0.70 0.75 -5.26
C ALA A 37 1.09 2.22 -5.44
N LYS A 38 0.22 3.08 -4.96
CA LYS A 38 0.46 4.51 -5.06
C LYS A 38 1.71 4.87 -4.25
N THR A 39 1.78 4.33 -3.05
CA THR A 39 2.92 4.58 -2.18
C THR A 39 3.87 3.38 -2.18
N GLY A 40 3.50 2.38 -1.40
CA GLY A 40 4.31 1.17 -1.30
C GLY A 40 4.99 1.07 0.07
N CYS A 41 4.40 1.76 1.05
CA CYS A 41 4.93 1.77 2.39
C CYS A 41 3.77 1.95 3.37
N VAL A 42 3.50 0.89 4.13
CA VAL A 42 2.42 0.93 5.09
C VAL A 42 2.43 2.28 5.81
N ASP A 43 3.61 2.62 6.33
CA ASP A 43 3.76 3.88 7.04
C ASP A 43 3.27 5.03 6.15
N LEU A 44 3.83 5.09 4.95
CA LEU A 44 3.46 6.12 4.00
C LEU A 44 1.94 6.11 3.81
N THR A 45 1.42 4.93 3.53
CA THR A 45 0.00 4.77 3.32
C THR A 45 -0.80 5.57 4.36
N ILE A 46 -0.53 5.26 5.62
CA ILE A 46 -1.20 5.94 6.71
C ILE A 46 -1.10 7.45 6.50
N THR A 47 0.11 7.97 6.60
CA THR A 47 0.35 9.39 6.42
C THR A 47 -0.35 9.89 5.15
N ASN A 48 0.05 9.33 4.03
CA ASN A 48 -0.52 9.69 2.75
C ASN A 48 -2.04 9.74 2.87
N LEU A 49 -2.57 8.75 3.57
CA LEU A 49 -4.01 8.65 3.77
C LEU A 49 -4.48 9.85 4.60
N LEU A 50 -3.65 10.23 5.56
CA LEU A 50 -3.97 11.35 6.43
C LEU A 50 -4.03 12.63 5.60
N GLU A 51 -2.87 13.04 5.11
CA GLU A 51 -2.78 14.24 4.30
C GLU A 51 -3.74 14.15 3.11
N GLY A 52 -3.94 12.93 2.64
CA GLY A 52 -4.82 12.70 1.51
C GLY A 52 -4.13 13.05 0.19
N ALA A 53 -3.02 12.37 -0.06
CA ALA A 53 -2.25 12.60 -1.27
C ALA A 53 -2.58 11.50 -2.29
N VAL A 54 -1.68 10.53 -2.37
CA VAL A 54 -1.86 9.42 -3.29
C VAL A 54 -1.80 9.94 -4.73
N ALA A 55 -1.19 9.14 -5.59
CA ALA A 55 -1.06 9.50 -6.99
C ALA A 55 -0.09 10.67 -7.12
N PHE A 56 1.18 10.34 -7.33
CA PHE A 56 2.21 11.35 -7.46
C PHE A 56 2.26 11.88 -8.90
N MET A 57 2.84 13.07 -9.04
CA MET A 57 2.96 13.69 -10.35
C MET A 57 4.33 13.41 -10.97
N PRO A 58 4.36 13.43 -12.33
CA PRO A 58 5.59 13.18 -13.04
C PRO A 58 6.54 14.38 -12.97
N GLU A 59 7.71 14.14 -12.40
CA GLU A 59 8.71 15.18 -12.26
C GLU A 59 9.31 15.54 -13.63
N ASP A 60 9.94 16.71 -13.68
CA ASP A 60 10.55 17.17 -14.90
C ASP A 60 11.89 17.84 -14.57
N ILE A 61 12.50 17.38 -13.50
CA ILE A 61 13.78 17.92 -13.06
C ILE A 61 14.89 17.35 -13.95
N GLY A 1 14.94 -1.09 -21.44
CA GLY A 1 14.44 0.27 -21.38
C GLY A 1 14.88 0.96 -20.09
N SER A 2 13.90 1.54 -19.41
CA SER A 2 14.18 2.24 -18.16
C SER A 2 12.86 2.57 -17.44
N SER A 3 12.01 3.32 -18.14
CA SER A 3 10.73 3.71 -17.59
C SER A 3 9.85 2.47 -17.39
N GLY A 4 8.74 2.68 -16.70
CA GLY A 4 7.81 1.59 -16.43
C GLY A 4 8.17 0.89 -15.11
N SER A 5 8.19 -0.43 -15.18
CA SER A 5 8.51 -1.23 -14.01
C SER A 5 8.69 -2.70 -14.40
N SER A 6 9.91 -3.19 -14.22
CA SER A 6 10.22 -4.57 -14.56
C SER A 6 9.21 -5.51 -13.90
N GLY A 7 9.10 -5.37 -12.59
CA GLY A 7 8.17 -6.20 -11.82
C GLY A 7 8.93 -7.03 -10.79
N SER A 8 9.42 -6.36 -9.76
CA SER A 8 10.15 -7.02 -8.70
C SER A 8 9.25 -8.04 -8.01
N PRO A 9 9.89 -9.14 -7.51
CA PRO A 9 9.16 -10.19 -6.83
C PRO A 9 8.77 -9.75 -5.41
N ASP A 10 7.96 -8.70 -5.36
CA ASP A 10 7.50 -8.16 -4.09
C ASP A 10 5.99 -8.34 -3.99
N VAL A 11 5.59 -9.38 -3.26
CA VAL A 11 4.17 -9.67 -3.09
C VAL A 11 3.78 -9.37 -1.64
N GLN A 12 4.34 -8.30 -1.11
CA GLN A 12 4.07 -7.90 0.26
C GLN A 12 2.73 -7.16 0.34
N LEU A 13 2.08 -7.06 -0.81
CA LEU A 13 0.80 -6.38 -0.90
C LEU A 13 -0.14 -6.96 0.16
N ALA A 14 -0.33 -8.27 0.09
CA ALA A 14 -1.20 -8.96 1.04
C ALA A 14 -0.77 -8.62 2.46
N THR A 15 0.46 -9.01 2.78
CA THR A 15 1.00 -8.76 4.11
C THR A 15 0.85 -7.28 4.47
N LEU A 16 0.86 -6.44 3.44
CA LEU A 16 0.73 -5.01 3.63
C LEU A 16 -0.73 -4.67 3.94
N ALA A 17 -1.58 -4.92 2.95
CA ALA A 17 -3.00 -4.65 3.10
C ALA A 17 -3.45 -5.05 4.51
N GLN A 18 -2.76 -6.06 5.05
CA GLN A 18 -3.08 -6.55 6.38
C GLN A 18 -2.87 -5.44 7.41
N ARG A 19 -1.61 -5.16 7.69
CA ARG A 19 -1.26 -4.14 8.66
C ARG A 19 -2.17 -2.92 8.49
N VAL A 20 -2.01 -2.27 7.35
CA VAL A 20 -2.81 -1.09 7.04
C VAL A 20 -4.24 -1.30 7.53
N LYS A 21 -4.92 -2.21 6.86
CA LYS A 21 -6.30 -2.52 7.21
C LYS A 21 -6.40 -2.74 8.72
N GLU A 22 -5.43 -3.47 9.25
CA GLU A 22 -5.39 -3.75 10.67
C GLU A 22 -5.52 -2.45 11.48
N VAL A 23 -4.78 -1.45 11.03
CA VAL A 23 -4.80 -0.15 11.70
C VAL A 23 -6.09 0.59 11.30
N LEU A 24 -6.42 0.50 10.02
CA LEU A 24 -7.61 1.16 9.52
C LEU A 24 -8.44 0.16 8.71
N PRO A 25 -9.39 -0.52 9.42
CA PRO A 25 -10.25 -1.50 8.79
C PRO A 25 -11.32 -0.81 7.94
N HIS A 26 -11.75 0.35 8.40
CA HIS A 26 -12.77 1.11 7.69
C HIS A 26 -12.47 1.07 6.18
N VAL A 27 -11.29 1.54 5.82
CA VAL A 27 -10.88 1.58 4.44
C VAL A 27 -10.96 0.16 3.85
N PRO A 28 -11.39 0.09 2.57
CA PRO A 28 -11.52 -1.19 1.89
C PRO A 28 -10.14 -1.75 1.49
N LEU A 29 -10.11 -3.04 1.24
CA LEU A 29 -8.88 -3.70 0.86
C LEU A 29 -8.61 -3.43 -0.62
N GLY A 30 -9.68 -3.37 -1.40
CA GLY A 30 -9.57 -3.12 -2.83
C GLY A 30 -8.83 -1.82 -3.09
N VAL A 31 -9.27 -0.77 -2.40
CA VAL A 31 -8.66 0.54 -2.57
C VAL A 31 -7.21 0.49 -2.07
N ILE A 32 -7.04 -0.11 -0.91
CA ILE A 32 -5.72 -0.25 -0.31
C ILE A 32 -4.77 -0.89 -1.32
N GLN A 33 -5.15 -2.08 -1.76
CA GLN A 33 -4.34 -2.81 -2.73
C GLN A 33 -3.81 -1.86 -3.80
N ARG A 34 -4.67 -0.92 -4.19
CA ARG A 34 -4.30 0.05 -5.21
C ARG A 34 -3.46 1.18 -4.59
N ASP A 35 -3.98 1.73 -3.50
CA ASP A 35 -3.29 2.81 -2.82
C ASP A 35 -1.86 2.37 -2.52
N LEU A 36 -1.69 1.07 -2.36
CA LEU A 36 -0.37 0.52 -2.06
C LEU A 36 0.56 0.80 -3.24
N ALA A 37 0.12 0.39 -4.42
CA ALA A 37 0.90 0.58 -5.63
C ALA A 37 1.18 2.07 -5.82
N LYS A 38 0.23 2.88 -5.37
CA LYS A 38 0.37 4.32 -5.49
C LYS A 38 1.69 4.76 -4.85
N THR A 39 2.05 4.08 -3.79
CA THR A 39 3.29 4.38 -3.08
C THR A 39 4.05 3.10 -2.75
N GLY A 40 3.58 2.43 -1.69
CA GLY A 40 4.20 1.19 -1.26
C GLY A 40 4.80 1.34 0.14
N CYS A 41 4.14 2.15 0.94
CA CYS A 41 4.61 2.39 2.30
C CYS A 41 3.38 2.48 3.21
N VAL A 42 3.20 1.45 4.02
CA VAL A 42 2.07 1.40 4.94
C VAL A 42 1.87 2.79 5.56
N ASP A 43 2.93 3.28 6.17
CA ASP A 43 2.88 4.59 6.81
C ASP A 43 2.22 5.60 5.86
N LEU A 44 2.69 5.59 4.63
CA LEU A 44 2.16 6.48 3.61
C LEU A 44 0.66 6.22 3.45
N THR A 45 0.33 4.98 3.15
CA THR A 45 -1.07 4.60 2.97
C THR A 45 -1.94 5.21 4.07
N ILE A 46 -1.57 4.91 5.30
CA ILE A 46 -2.31 5.43 6.45
C ILE A 46 -2.65 6.90 6.21
N THR A 47 -1.60 7.69 6.00
CA THR A 47 -1.77 9.12 5.75
C THR A 47 -2.54 9.34 4.46
N ASN A 48 -1.97 8.84 3.37
CA ASN A 48 -2.59 8.98 2.06
C ASN A 48 -4.10 8.78 2.19
N LEU A 49 -4.46 7.80 3.01
CA LEU A 49 -5.87 7.48 3.23
C LEU A 49 -6.66 8.78 3.33
N LEU A 50 -6.29 9.59 4.33
CA LEU A 50 -6.96 10.86 4.54
C LEU A 50 -6.27 11.94 3.71
N GLU A 51 -5.03 12.22 4.07
CA GLU A 51 -4.25 13.22 3.37
C GLU A 51 -4.52 13.16 1.87
N GLY A 52 -4.23 12.00 1.30
CA GLY A 52 -4.43 11.80 -0.13
C GLY A 52 -3.11 11.86 -0.89
N ALA A 53 -2.79 10.74 -1.52
CA ALA A 53 -1.55 10.64 -2.29
C ALA A 53 -1.69 9.53 -3.33
N VAL A 54 -2.37 9.88 -4.42
CA VAL A 54 -2.58 8.92 -5.50
C VAL A 54 -2.28 9.59 -6.84
N ALA A 55 -1.48 8.91 -7.65
CA ALA A 55 -1.12 9.43 -8.96
C ALA A 55 -1.73 8.54 -10.04
N PHE A 56 -2.37 9.19 -11.00
CA PHE A 56 -3.00 8.47 -12.10
C PHE A 56 -2.02 8.29 -13.26
N MET A 57 -0.85 8.90 -13.11
CA MET A 57 0.18 8.80 -14.13
C MET A 57 -0.44 8.88 -15.54
N PRO A 58 -0.49 10.13 -16.07
CA PRO A 58 -1.05 10.36 -17.39
C PRO A 58 -0.08 9.89 -18.48
N GLU A 59 -0.58 9.85 -19.70
CA GLU A 59 0.23 9.42 -20.84
C GLU A 59 0.21 10.50 -21.93
N ASP A 60 1.26 10.49 -22.74
CA ASP A 60 1.38 11.46 -23.81
C ASP A 60 1.85 12.80 -23.24
N ILE A 61 2.90 13.33 -23.85
CA ILE A 61 3.45 14.60 -23.41
C ILE A 61 2.62 15.74 -24.00
N GLY A 1 -3.62 -20.72 -14.77
CA GLY A 1 -4.68 -19.76 -14.56
C GLY A 1 -4.22 -18.34 -14.89
N SER A 2 -3.81 -17.63 -13.85
CA SER A 2 -3.34 -16.27 -14.01
C SER A 2 -2.00 -16.09 -13.31
N SER A 3 -2.00 -16.36 -12.01
CA SER A 3 -0.79 -16.24 -11.21
C SER A 3 -0.30 -17.62 -10.79
N GLY A 4 0.96 -17.67 -10.37
CA GLY A 4 1.55 -18.92 -9.93
C GLY A 4 3.08 -18.86 -10.04
N SER A 5 3.68 -20.03 -10.11
CA SER A 5 5.12 -20.13 -10.23
C SER A 5 5.78 -19.45 -9.02
N SER A 6 6.24 -20.27 -8.09
CA SER A 6 6.89 -19.77 -6.90
C SER A 6 5.94 -18.85 -6.13
N GLY A 7 5.50 -19.32 -4.98
CA GLY A 7 4.59 -18.55 -4.15
C GLY A 7 5.29 -18.04 -2.89
N SER A 8 4.88 -18.57 -1.75
CA SER A 8 5.45 -18.18 -0.48
C SER A 8 5.25 -16.68 -0.25
N PRO A 9 4.12 -16.35 0.42
CA PRO A 9 3.79 -14.96 0.72
C PRO A 9 4.66 -14.42 1.84
N ASP A 10 5.16 -13.20 1.63
CA ASP A 10 6.01 -12.56 2.61
C ASP A 10 6.23 -11.10 2.22
N VAL A 11 6.07 -10.22 3.20
CA VAL A 11 6.25 -8.80 2.96
C VAL A 11 5.71 -8.45 1.58
N GLN A 12 4.57 -9.04 1.26
CA GLN A 12 3.94 -8.79 -0.04
C GLN A 12 2.80 -7.79 0.12
N LEU A 13 2.19 -7.46 -1.02
CA LEU A 13 1.09 -6.51 -1.03
C LEU A 13 0.05 -6.93 0.03
N ALA A 14 -0.25 -8.22 0.02
CA ALA A 14 -1.22 -8.75 0.97
C ALA A 14 -0.78 -8.40 2.39
N THR A 15 0.44 -8.80 2.72
CA THR A 15 0.99 -8.53 4.04
C THR A 15 0.73 -7.07 4.44
N LEU A 16 0.79 -6.20 3.44
CA LEU A 16 0.57 -4.79 3.67
C LEU A 16 -0.90 -4.54 3.94
N ALA A 17 -1.71 -4.82 2.93
CA ALA A 17 -3.16 -4.64 3.05
C ALA A 17 -3.60 -5.09 4.43
N GLN A 18 -2.88 -6.06 4.98
CA GLN A 18 -3.21 -6.59 6.30
C GLN A 18 -2.98 -5.52 7.36
N ARG A 19 -1.78 -4.96 7.35
CA ARG A 19 -1.43 -3.93 8.31
C ARG A 19 -2.28 -2.68 8.08
N VAL A 20 -2.05 -2.04 6.95
CA VAL A 20 -2.79 -0.84 6.60
C VAL A 20 -4.25 -1.01 7.01
N LYS A 21 -4.75 -2.23 6.85
CA LYS A 21 -6.13 -2.53 7.20
C LYS A 21 -6.23 -2.69 8.72
N GLU A 22 -5.38 -3.56 9.26
CA GLU A 22 -5.38 -3.81 10.68
C GLU A 22 -5.45 -2.49 11.45
N VAL A 23 -4.68 -1.52 10.97
CA VAL A 23 -4.64 -0.21 11.61
C VAL A 23 -5.90 0.57 11.23
N LEU A 24 -6.24 0.49 9.95
CA LEU A 24 -7.41 1.19 9.44
C LEU A 24 -8.43 0.16 8.95
N PRO A 25 -9.33 -0.26 9.87
CA PRO A 25 -10.35 -1.23 9.54
C PRO A 25 -11.47 -0.59 8.71
N HIS A 26 -11.47 0.74 8.71
CA HIS A 26 -12.47 1.48 7.95
C HIS A 26 -11.92 1.82 6.57
N VAL A 27 -11.79 0.79 5.74
CA VAL A 27 -11.28 0.97 4.40
C VAL A 27 -11.31 -0.36 3.66
N PRO A 28 -11.64 -0.28 2.34
CA PRO A 28 -11.71 -1.47 1.51
C PRO A 28 -10.31 -2.00 1.17
N LEU A 29 -10.26 -3.27 0.85
CA LEU A 29 -8.99 -3.91 0.50
C LEU A 29 -8.65 -3.57 -0.95
N GLY A 30 -9.69 -3.56 -1.78
CA GLY A 30 -9.51 -3.26 -3.19
C GLY A 30 -8.79 -1.93 -3.38
N VAL A 31 -9.21 -0.94 -2.60
CA VAL A 31 -8.63 0.38 -2.68
C VAL A 31 -7.24 0.36 -2.02
N ILE A 32 -7.18 -0.24 -0.85
CA ILE A 32 -5.93 -0.33 -0.12
C ILE A 32 -4.84 -0.87 -1.05
N GLN A 33 -5.16 -1.98 -1.70
CA GLN A 33 -4.23 -2.60 -2.62
C GLN A 33 -3.64 -1.55 -3.57
N ARG A 34 -4.53 -0.87 -4.27
CA ARG A 34 -4.12 0.15 -5.21
C ARG A 34 -3.42 1.30 -4.48
N ASP A 35 -4.00 1.67 -3.34
CA ASP A 35 -3.45 2.75 -2.54
C ASP A 35 -2.00 2.41 -2.17
N LEU A 36 -1.75 1.12 -2.02
CA LEU A 36 -0.42 0.65 -1.66
C LEU A 36 0.53 0.88 -2.85
N ALA A 37 0.12 0.36 -4.00
CA ALA A 37 0.91 0.49 -5.21
C ALA A 37 1.15 1.99 -5.50
N LYS A 38 0.23 2.80 -5.00
CA LYS A 38 0.33 4.24 -5.20
C LYS A 38 1.67 4.73 -4.65
N THR A 39 2.19 3.97 -3.70
CA THR A 39 3.47 4.33 -3.09
C THR A 39 4.33 3.08 -2.90
N GLY A 40 3.90 2.24 -1.96
CA GLY A 40 4.62 1.01 -1.67
C GLY A 40 5.20 1.04 -0.26
N CYS A 41 4.52 1.77 0.61
CA CYS A 41 4.95 1.89 1.99
C CYS A 41 3.73 2.18 2.86
N VAL A 42 3.51 1.31 3.85
CA VAL A 42 2.39 1.46 4.75
C VAL A 42 2.37 2.89 5.30
N ASP A 43 3.50 3.29 5.86
CA ASP A 43 3.63 4.61 6.43
C ASP A 43 3.23 5.66 5.37
N LEU A 44 3.31 5.24 4.12
CA LEU A 44 2.97 6.11 3.02
C LEU A 44 1.48 5.98 2.71
N THR A 45 0.98 4.77 2.92
CA THR A 45 -0.44 4.49 2.67
C THR A 45 -1.30 5.12 3.75
N ILE A 46 -0.88 4.94 4.99
CA ILE A 46 -1.62 5.48 6.12
C ILE A 46 -1.74 7.00 5.96
N THR A 47 -0.59 7.63 5.75
CA THR A 47 -0.55 9.07 5.58
C THR A 47 -1.41 9.49 4.39
N ASN A 48 -1.03 9.00 3.22
CA ASN A 48 -1.75 9.31 2.00
C ASN A 48 -3.25 9.21 2.27
N LEU A 49 -3.64 8.16 2.98
CA LEU A 49 -5.04 7.94 3.30
C LEU A 49 -5.63 9.24 3.86
N LEU A 50 -4.85 9.89 4.71
CA LEU A 50 -5.30 11.14 5.32
C LEU A 50 -4.82 12.31 4.46
N GLU A 51 -3.50 12.49 4.44
CA GLU A 51 -2.91 13.57 3.68
C GLU A 51 -3.58 13.67 2.30
N GLY A 52 -3.12 12.83 1.39
CA GLY A 52 -3.65 12.81 0.05
C GLY A 52 -2.55 13.05 -0.99
N ALA A 53 -2.17 11.97 -1.67
CA ALA A 53 -1.14 12.05 -2.68
C ALA A 53 -1.61 11.33 -3.95
N VAL A 54 -1.14 10.11 -4.10
CA VAL A 54 -1.50 9.30 -5.26
C VAL A 54 -0.92 9.94 -6.52
N ALA A 55 -0.38 9.09 -7.38
CA ALA A 55 0.22 9.56 -8.63
C ALA A 55 1.52 10.31 -8.32
N PHE A 56 2.51 10.09 -9.16
CA PHE A 56 3.80 10.73 -8.99
C PHE A 56 3.77 12.16 -9.55
N MET A 57 4.68 12.98 -9.03
CA MET A 57 4.77 14.36 -9.47
C MET A 57 5.81 14.52 -10.57
N PRO A 58 5.32 14.91 -11.78
CA PRO A 58 6.20 15.10 -12.92
C PRO A 58 6.99 16.40 -12.79
N GLU A 59 7.89 16.61 -13.74
CA GLU A 59 8.72 17.80 -13.75
C GLU A 59 8.70 18.46 -15.13
N ASP A 60 9.01 19.74 -15.15
CA ASP A 60 9.04 20.49 -16.39
C ASP A 60 9.93 21.72 -16.23
N ILE A 61 11.09 21.66 -16.86
CA ILE A 61 12.03 22.76 -16.79
C ILE A 61 11.81 23.69 -17.98
N GLY A 1 19.95 -5.75 -4.71
CA GLY A 1 21.21 -6.39 -5.08
C GLY A 1 21.39 -7.71 -4.32
N SER A 2 22.64 -8.06 -4.09
CA SER A 2 22.97 -9.29 -3.37
C SER A 2 22.80 -9.07 -1.87
N SER A 3 22.83 -10.19 -1.15
CA SER A 3 22.69 -10.13 0.30
C SER A 3 21.33 -9.55 0.68
N GLY A 4 20.87 -9.90 1.87
CA GLY A 4 19.59 -9.41 2.35
C GLY A 4 19.79 -8.41 3.49
N SER A 5 19.61 -7.14 3.16
CA SER A 5 19.75 -6.07 4.13
C SER A 5 19.36 -4.74 3.52
N SER A 6 20.04 -4.38 2.44
CA SER A 6 19.76 -3.14 1.75
C SER A 6 19.01 -3.42 0.46
N GLY A 7 18.37 -2.37 -0.06
CA GLY A 7 17.60 -2.49 -1.29
C GLY A 7 16.10 -2.42 -1.00
N SER A 8 15.32 -2.70 -2.05
CA SER A 8 13.88 -2.68 -1.93
C SER A 8 13.32 -4.08 -2.11
N PRO A 9 13.12 -4.78 -0.96
CA PRO A 9 12.59 -6.13 -0.99
C PRO A 9 11.09 -6.13 -1.27
N ASP A 10 10.53 -7.32 -1.37
CA ASP A 10 9.12 -7.47 -1.65
C ASP A 10 8.52 -8.55 -0.72
N VAL A 11 7.65 -8.10 0.17
CA VAL A 11 7.01 -9.01 1.11
C VAL A 11 5.53 -9.13 0.77
N GLN A 12 5.25 -9.18 -0.53
CA GLN A 12 3.88 -9.28 -1.00
C GLN A 12 3.07 -8.06 -0.56
N LEU A 13 1.92 -7.91 -1.18
CA LEU A 13 1.03 -6.79 -0.88
C LEU A 13 0.08 -7.20 0.24
N ALA A 14 -0.29 -8.47 0.24
CA ALA A 14 -1.20 -9.00 1.24
C ALA A 14 -0.83 -8.42 2.60
N THR A 15 0.35 -8.77 3.06
CA THR A 15 0.83 -8.30 4.35
C THR A 15 0.46 -6.83 4.55
N LEU A 16 1.02 -5.98 3.69
CA LEU A 16 0.75 -4.55 3.75
C LEU A 16 -0.75 -4.33 3.96
N ALA A 17 -1.52 -4.61 2.92
CA ALA A 17 -2.95 -4.44 2.98
C ALA A 17 -3.46 -4.91 4.34
N GLN A 18 -2.82 -5.95 4.86
CA GLN A 18 -3.20 -6.49 6.15
C GLN A 18 -3.01 -5.45 7.24
N ARG A 19 -1.79 -4.94 7.33
CA ARG A 19 -1.45 -3.94 8.33
C ARG A 19 -2.33 -2.70 8.14
N VAL A 20 -2.13 -2.02 7.02
CA VAL A 20 -2.89 -0.83 6.70
C VAL A 20 -4.36 -1.06 7.06
N LYS A 21 -4.84 -2.24 6.69
CA LYS A 21 -6.22 -2.61 6.96
C LYS A 21 -6.41 -2.80 8.46
N GLU A 22 -5.42 -3.43 9.07
CA GLU A 22 -5.47 -3.68 10.50
C GLU A 22 -5.46 -2.36 11.28
N VAL A 23 -4.53 -1.49 10.88
CA VAL A 23 -4.40 -0.20 11.52
C VAL A 23 -5.68 0.61 11.33
N LEU A 24 -6.29 0.41 10.16
CA LEU A 24 -7.53 1.10 9.84
C LEU A 24 -8.56 0.10 9.33
N PRO A 25 -9.30 -0.51 10.29
CA PRO A 25 -10.31 -1.49 9.95
C PRO A 25 -11.56 -0.82 9.37
N HIS A 26 -11.32 0.01 8.36
CA HIS A 26 -12.41 0.72 7.71
C HIS A 26 -12.16 0.75 6.20
N VAL A 27 -11.05 1.35 5.82
CA VAL A 27 -10.69 1.45 4.42
C VAL A 27 -10.79 0.07 3.77
N PRO A 28 -11.26 0.06 2.49
CA PRO A 28 -11.41 -1.17 1.75
C PRO A 28 -10.05 -1.71 1.29
N LEU A 29 -10.04 -2.99 0.94
CA LEU A 29 -8.83 -3.63 0.49
C LEU A 29 -8.60 -3.30 -0.99
N GLY A 30 -9.69 -3.34 -1.75
CA GLY A 30 -9.62 -3.04 -3.16
C GLY A 30 -8.88 -1.72 -3.43
N VAL A 31 -9.17 -0.74 -2.57
CA VAL A 31 -8.54 0.56 -2.69
C VAL A 31 -7.12 0.50 -2.11
N ILE A 32 -7.03 -0.11 -0.93
CA ILE A 32 -5.75 -0.24 -0.25
C ILE A 32 -4.75 -0.91 -1.20
N GLN A 33 -5.13 -2.08 -1.67
CA GLN A 33 -4.27 -2.83 -2.59
C GLN A 33 -3.75 -1.91 -3.69
N ARG A 34 -4.68 -1.21 -4.32
CA ARG A 34 -4.33 -0.30 -5.40
C ARG A 34 -3.49 0.86 -4.86
N ASP A 35 -4.07 1.59 -3.92
CA ASP A 35 -3.40 2.72 -3.32
C ASP A 35 -1.95 2.33 -2.98
N LEU A 36 -1.81 1.11 -2.47
CA LEU A 36 -0.50 0.61 -2.10
C LEU A 36 0.44 0.74 -3.30
N ALA A 37 -0.08 0.41 -4.47
CA ALA A 37 0.70 0.49 -5.69
C ALA A 37 1.18 1.93 -5.89
N LYS A 38 0.52 2.84 -5.19
CA LYS A 38 0.87 4.25 -5.29
C LYS A 38 2.00 4.56 -4.31
N THR A 39 1.84 4.06 -3.08
CA THR A 39 2.83 4.27 -2.05
C THR A 39 3.74 3.04 -1.92
N GLY A 40 3.16 1.97 -1.39
CA GLY A 40 3.91 0.74 -1.20
C GLY A 40 4.53 0.68 0.19
N CYS A 41 4.10 1.61 1.04
CA CYS A 41 4.60 1.66 2.40
C CYS A 41 3.41 1.86 3.34
N VAL A 42 3.22 0.88 4.21
CA VAL A 42 2.13 0.93 5.17
C VAL A 42 2.10 2.31 5.82
N ASP A 43 3.26 2.75 6.28
CA ASP A 43 3.37 4.04 6.93
C ASP A 43 2.73 5.11 6.04
N LEU A 44 3.33 5.31 4.88
CA LEU A 44 2.82 6.30 3.93
C LEU A 44 1.31 6.11 3.77
N THR A 45 0.93 4.88 3.44
CA THR A 45 -0.47 4.56 3.24
C THR A 45 -1.32 5.22 4.33
N ILE A 46 -1.01 4.89 5.57
CA ILE A 46 -1.73 5.43 6.70
C ILE A 46 -2.00 6.92 6.46
N THR A 47 -0.92 7.69 6.42
CA THR A 47 -1.04 9.13 6.20
C THR A 47 -1.77 9.40 4.88
N ASN A 48 -1.28 8.76 3.83
CA ASN A 48 -1.87 8.92 2.52
C ASN A 48 -3.39 8.92 2.64
N LEU A 49 -3.90 7.90 3.33
CA LEU A 49 -5.33 7.77 3.53
C LEU A 49 -5.93 9.15 3.82
N LEU A 50 -5.21 9.92 4.61
CA LEU A 50 -5.65 11.26 4.97
C LEU A 50 -5.03 12.27 4.01
N GLU A 51 -3.72 12.43 4.12
CA GLU A 51 -3.00 13.36 3.27
C GLU A 51 -3.38 13.14 1.80
N GLY A 52 -2.66 12.23 1.17
CA GLY A 52 -2.90 11.92 -0.23
C GLY A 52 -1.59 11.79 -1.00
N ALA A 53 -0.68 11.00 -0.45
CA ALA A 53 0.61 10.79 -1.07
C ALA A 53 0.40 10.12 -2.43
N VAL A 54 -0.79 9.57 -2.62
CA VAL A 54 -1.12 8.89 -3.85
C VAL A 54 -0.66 9.74 -5.04
N ALA A 55 -0.14 9.07 -6.05
CA ALA A 55 0.34 9.74 -7.24
C ALA A 55 -0.62 9.46 -8.41
N PHE A 56 -0.44 10.23 -9.47
CA PHE A 56 -1.27 10.07 -10.65
C PHE A 56 -0.46 10.29 -11.93
N MET A 57 -0.69 9.42 -12.90
CA MET A 57 0.01 9.51 -14.18
C MET A 57 -0.42 10.75 -14.95
N PRO A 58 0.55 11.69 -15.11
CA PRO A 58 0.27 12.93 -15.83
C PRO A 58 0.22 12.68 -17.34
N GLU A 59 -0.54 13.52 -18.02
CA GLU A 59 -0.69 13.40 -19.46
C GLU A 59 0.55 13.98 -20.17
N ASP A 60 0.81 13.44 -21.34
CA ASP A 60 1.95 13.90 -22.13
C ASP A 60 1.57 13.92 -23.61
N ILE A 61 1.19 15.11 -24.06
CA ILE A 61 0.80 15.29 -25.45
C ILE A 61 1.96 14.89 -26.36
N GLY A 1 8.47 -31.87 3.43
CA GLY A 1 8.83 -31.68 4.82
C GLY A 1 8.89 -30.20 5.18
N SER A 2 9.91 -29.85 5.95
CA SER A 2 10.09 -28.47 6.37
C SER A 2 11.55 -28.23 6.75
N SER A 3 12.18 -27.32 6.01
CA SER A 3 13.58 -26.99 6.25
C SER A 3 14.01 -25.85 5.33
N GLY A 4 15.05 -25.15 5.76
CA GLY A 4 15.58 -24.04 4.99
C GLY A 4 16.75 -23.37 5.71
N SER A 5 16.76 -22.04 5.64
CA SER A 5 17.81 -21.28 6.29
C SER A 5 17.23 -20.01 6.92
N SER A 6 17.83 -19.60 8.02
CA SER A 6 17.38 -18.41 8.73
C SER A 6 17.55 -17.18 7.85
N GLY A 7 16.46 -16.45 7.68
CA GLY A 7 16.49 -15.24 6.86
C GLY A 7 15.39 -15.29 5.80
N SER A 8 14.38 -14.47 5.98
CA SER A 8 13.26 -14.41 5.05
C SER A 8 12.55 -13.07 5.18
N PRO A 9 12.59 -12.27 4.07
CA PRO A 9 11.96 -10.98 4.05
C PRO A 9 10.43 -11.11 3.93
N ASP A 10 9.75 -10.00 4.18
CA ASP A 10 8.30 -9.99 4.10
C ASP A 10 7.84 -8.76 3.31
N VAL A 11 7.38 -9.02 2.10
CA VAL A 11 6.92 -7.94 1.23
C VAL A 11 5.47 -8.23 0.81
N GLN A 12 5.30 -8.49 -0.47
CA GLN A 12 3.99 -8.78 -1.01
C GLN A 12 3.04 -7.60 -0.75
N LEU A 13 1.93 -7.61 -1.47
CA LEU A 13 0.93 -6.56 -1.32
C LEU A 13 -0.06 -6.94 -0.23
N ALA A 14 -0.44 -8.22 -0.24
CA ALA A 14 -1.38 -8.73 0.74
C ALA A 14 -0.86 -8.44 2.15
N THR A 15 0.29 -9.02 2.45
CA THR A 15 0.89 -8.83 3.76
C THR A 15 0.75 -7.38 4.21
N LEU A 16 0.84 -6.48 3.24
CA LEU A 16 0.72 -5.06 3.53
C LEU A 16 -0.74 -4.73 3.82
N ALA A 17 -1.58 -4.97 2.82
CA ALA A 17 -3.00 -4.70 2.95
C ALA A 17 -3.46 -5.11 4.36
N GLN A 18 -2.81 -6.13 4.88
CA GLN A 18 -3.14 -6.63 6.21
C GLN A 18 -2.85 -5.57 7.26
N ARG A 19 -1.61 -5.08 7.25
CA ARG A 19 -1.19 -4.07 8.19
C ARG A 19 -1.99 -2.78 7.99
N VAL A 20 -1.75 -2.16 6.85
CA VAL A 20 -2.44 -0.92 6.52
C VAL A 20 -3.91 -1.03 6.96
N LYS A 21 -4.47 -2.20 6.73
CA LYS A 21 -5.86 -2.44 7.10
C LYS A 21 -5.99 -2.45 8.63
N GLU A 22 -5.12 -3.24 9.25
CA GLU A 22 -5.13 -3.34 10.70
C GLU A 22 -5.28 -1.95 11.34
N VAL A 23 -4.58 -1.00 10.76
CA VAL A 23 -4.63 0.37 11.25
C VAL A 23 -5.94 1.02 10.78
N LEU A 24 -6.27 0.78 9.52
CA LEU A 24 -7.48 1.35 8.95
C LEU A 24 -8.35 0.22 8.41
N PRO A 25 -9.25 -0.30 9.29
CA PRO A 25 -10.14 -1.38 8.90
C PRO A 25 -11.27 -0.87 8.01
N HIS A 26 -11.82 0.27 8.40
CA HIS A 26 -12.92 0.87 7.64
C HIS A 26 -12.59 0.80 6.15
N VAL A 27 -11.53 1.49 5.77
CA VAL A 27 -11.11 1.52 4.38
C VAL A 27 -11.21 0.11 3.79
N PRO A 28 -11.61 0.05 2.50
CA PRO A 28 -11.75 -1.23 1.82
C PRO A 28 -10.38 -1.80 1.44
N LEU A 29 -10.38 -3.08 1.11
CA LEU A 29 -9.15 -3.75 0.73
C LEU A 29 -8.88 -3.51 -0.76
N GLY A 30 -9.96 -3.45 -1.52
CA GLY A 30 -9.86 -3.23 -2.96
C GLY A 30 -9.13 -1.92 -3.26
N VAL A 31 -9.30 -0.96 -2.36
CA VAL A 31 -8.67 0.34 -2.52
C VAL A 31 -7.26 0.29 -1.93
N ILE A 32 -7.18 -0.28 -0.74
CA ILE A 32 -5.89 -0.40 -0.06
C ILE A 32 -4.87 -1.01 -1.00
N GLN A 33 -5.25 -2.14 -1.58
CA GLN A 33 -4.38 -2.84 -2.51
C GLN A 33 -3.77 -1.85 -3.51
N ARG A 34 -4.63 -1.02 -4.06
CA ARG A 34 -4.19 -0.03 -5.03
C ARG A 34 -3.45 1.10 -4.33
N ASP A 35 -4.04 1.58 -3.25
CA ASP A 35 -3.44 2.67 -2.48
C ASP A 35 -1.99 2.31 -2.14
N LEU A 36 -1.77 1.01 -1.95
CA LEU A 36 -0.44 0.52 -1.61
C LEU A 36 0.51 0.84 -2.76
N ALA A 37 0.16 0.35 -3.94
CA ALA A 37 0.98 0.57 -5.12
C ALA A 37 1.16 2.08 -5.33
N LYS A 38 0.21 2.83 -4.78
CA LYS A 38 0.25 4.28 -4.91
C LYS A 38 1.48 4.82 -4.17
N THR A 39 2.00 3.99 -3.27
CA THR A 39 3.17 4.37 -2.50
C THR A 39 4.13 3.19 -2.36
N GLY A 40 3.73 2.25 -1.51
CA GLY A 40 4.55 1.07 -1.28
C GLY A 40 5.09 1.04 0.15
N CYS A 41 4.43 1.82 1.01
CA CYS A 41 4.85 1.89 2.40
C CYS A 41 3.59 2.13 3.26
N VAL A 42 3.32 1.16 4.13
CA VAL A 42 2.16 1.25 5.00
C VAL A 42 2.08 2.66 5.60
N ASP A 43 3.17 3.05 6.25
CA ASP A 43 3.24 4.37 6.87
C ASP A 43 2.74 5.42 5.87
N LEU A 44 3.46 5.52 4.76
CA LEU A 44 3.10 6.48 3.72
C LEU A 44 1.60 6.38 3.44
N THR A 45 1.17 5.18 3.12
CA THR A 45 -0.23 4.93 2.83
C THR A 45 -1.13 5.68 3.84
N ILE A 46 -0.93 5.33 5.10
CA ILE A 46 -1.71 5.95 6.16
C ILE A 46 -1.81 7.46 5.91
N THR A 47 -0.65 8.10 5.89
CA THR A 47 -0.60 9.53 5.66
C THR A 47 -1.27 9.88 4.33
N ASN A 48 -0.69 9.37 3.26
CA ASN A 48 -1.23 9.62 1.93
C ASN A 48 -2.76 9.54 1.97
N LEU A 49 -3.25 8.52 2.67
CA LEU A 49 -4.68 8.33 2.80
C LEU A 49 -5.33 9.63 3.29
N LEU A 50 -4.75 10.19 4.33
CA LEU A 50 -5.25 11.42 4.90
C LEU A 50 -4.93 12.58 3.96
N GLU A 51 -3.65 12.69 3.61
CA GLU A 51 -3.21 13.75 2.72
C GLU A 51 -4.14 13.85 1.50
N GLY A 52 -4.00 12.87 0.62
CA GLY A 52 -4.81 12.83 -0.58
C GLY A 52 -3.95 12.93 -1.83
N ALA A 53 -2.85 12.19 -1.82
CA ALA A 53 -1.93 12.18 -2.94
C ALA A 53 -2.50 11.28 -4.05
N VAL A 54 -1.95 10.07 -4.11
CA VAL A 54 -2.38 9.11 -5.11
C VAL A 54 -2.06 9.65 -6.51
N ALA A 55 -1.48 8.79 -7.32
CA ALA A 55 -1.12 9.16 -8.68
C ALA A 55 -2.26 8.81 -9.63
N PHE A 56 -2.11 9.23 -10.88
CA PHE A 56 -3.12 8.96 -11.89
C PHE A 56 -3.01 7.51 -12.40
N MET A 57 -4.15 6.99 -12.83
CA MET A 57 -4.19 5.63 -13.34
C MET A 57 -3.36 5.50 -14.61
N PRO A 58 -2.24 4.73 -14.48
CA PRO A 58 -1.35 4.52 -15.61
C PRO A 58 -1.95 3.53 -16.60
N GLU A 59 -1.58 3.70 -17.87
CA GLU A 59 -2.07 2.83 -18.92
C GLU A 59 -1.96 1.37 -18.50
N ASP A 60 -2.59 0.51 -19.28
CA ASP A 60 -2.56 -0.91 -19.00
C ASP A 60 -3.23 -1.67 -20.16
N ILE A 61 -2.43 -2.49 -20.83
CA ILE A 61 -2.93 -3.27 -21.95
C ILE A 61 -4.14 -4.09 -21.50
N GLY A 1 29.91 -0.61 5.54
CA GLY A 1 29.53 -0.59 6.94
C GLY A 1 28.01 -0.54 7.10
N SER A 2 27.40 -1.71 7.01
CA SER A 2 25.96 -1.80 7.14
C SER A 2 25.55 -3.27 7.33
N SER A 3 25.96 -4.10 6.38
CA SER A 3 25.65 -5.51 6.43
C SER A 3 24.16 -5.73 6.14
N GLY A 4 23.34 -5.15 7.00
CA GLY A 4 21.90 -5.27 6.85
C GLY A 4 21.24 -5.63 8.18
N SER A 5 21.36 -6.89 8.56
CA SER A 5 20.79 -7.37 9.80
C SER A 5 19.40 -6.76 10.00
N SER A 6 18.40 -7.47 9.48
CA SER A 6 17.02 -7.02 9.59
C SER A 6 16.08 -8.22 9.61
N GLY A 7 16.12 -8.98 8.53
CA GLY A 7 15.27 -10.16 8.41
C GLY A 7 14.39 -10.08 7.15
N SER A 8 15.03 -9.83 6.02
CA SER A 8 14.33 -9.74 4.76
C SER A 8 13.18 -8.73 4.89
N PRO A 9 13.50 -7.45 4.53
CA PRO A 9 12.51 -6.39 4.60
C PRO A 9 11.52 -6.50 3.45
N ASP A 10 10.35 -5.89 3.65
CA ASP A 10 9.31 -5.91 2.63
C ASP A 10 8.87 -7.36 2.40
N VAL A 11 7.56 -7.51 2.22
CA VAL A 11 6.99 -8.83 1.99
C VAL A 11 6.14 -8.79 0.71
N GLN A 12 4.85 -8.96 0.90
CA GLN A 12 3.92 -8.94 -0.21
C GLN A 12 2.74 -8.01 0.08
N LEU A 13 2.06 -7.63 -0.99
CA LEU A 13 0.91 -6.74 -0.86
C LEU A 13 -0.09 -7.34 0.13
N ALA A 14 -0.38 -8.62 -0.07
CA ALA A 14 -1.31 -9.32 0.80
C ALA A 14 -0.99 -9.00 2.25
N THR A 15 0.26 -9.27 2.63
CA THR A 15 0.71 -9.02 3.98
C THR A 15 0.58 -7.54 4.32
N LEU A 16 0.82 -6.71 3.31
CA LEU A 16 0.74 -5.27 3.48
C LEU A 16 -0.71 -4.88 3.82
N ALA A 17 -1.59 -5.18 2.88
CA ALA A 17 -3.00 -4.86 3.06
C ALA A 17 -3.41 -5.16 4.50
N GLN A 18 -2.75 -6.17 5.08
CA GLN A 18 -3.03 -6.57 6.44
C GLN A 18 -2.77 -5.41 7.40
N ARG A 19 -1.50 -5.01 7.46
CA ARG A 19 -1.10 -3.90 8.32
C ARG A 19 -1.99 -2.68 8.06
N VAL A 20 -1.82 -2.10 6.87
CA VAL A 20 -2.58 -0.93 6.49
C VAL A 20 -4.03 -1.12 6.95
N LYS A 21 -4.53 -2.33 6.79
CA LYS A 21 -5.89 -2.64 7.18
C LYS A 21 -6.01 -2.59 8.70
N GLU A 22 -5.06 -3.23 9.36
CA GLU A 22 -5.04 -3.28 10.81
C GLU A 22 -5.13 -1.86 11.38
N VAL A 23 -4.49 -0.94 10.68
CA VAL A 23 -4.49 0.45 11.10
C VAL A 23 -5.79 1.13 10.64
N LEU A 24 -6.19 0.80 9.42
CA LEU A 24 -7.40 1.36 8.85
C LEU A 24 -8.29 0.23 8.33
N PRO A 25 -9.17 -0.28 9.23
CA PRO A 25 -10.08 -1.35 8.88
C PRO A 25 -11.21 -0.85 7.98
N HIS A 26 -11.79 0.27 8.40
CA HIS A 26 -12.88 0.87 7.65
C HIS A 26 -12.59 0.79 6.15
N VAL A 27 -11.56 1.51 5.74
CA VAL A 27 -11.17 1.52 4.34
C VAL A 27 -11.26 0.10 3.78
N PRO A 28 -11.70 0.02 2.49
CA PRO A 28 -11.83 -1.27 1.83
C PRO A 28 -10.45 -1.83 1.44
N LEU A 29 -10.47 -3.07 0.99
CA LEU A 29 -9.24 -3.73 0.59
C LEU A 29 -8.95 -3.41 -0.88
N GLY A 30 -9.98 -3.56 -1.70
CA GLY A 30 -9.86 -3.29 -3.12
C GLY A 30 -9.11 -1.98 -3.37
N VAL A 31 -9.35 -1.02 -2.48
CA VAL A 31 -8.72 0.27 -2.59
C VAL A 31 -7.31 0.19 -1.99
N ILE A 32 -7.23 -0.41 -0.82
CA ILE A 32 -5.95 -0.55 -0.13
C ILE A 32 -4.91 -1.10 -1.12
N GLN A 33 -5.23 -2.24 -1.70
CA GLN A 33 -4.35 -2.88 -2.65
C GLN A 33 -3.74 -1.82 -3.59
N ARG A 34 -4.58 -0.91 -4.02
CA ARG A 34 -4.15 0.15 -4.92
C ARG A 34 -3.40 1.23 -4.14
N ASP A 35 -4.06 1.76 -3.13
CA ASP A 35 -3.46 2.79 -2.30
C ASP A 35 -2.01 2.41 -1.99
N LEU A 36 -1.77 1.11 -1.95
CA LEU A 36 -0.44 0.60 -1.68
C LEU A 36 0.48 0.92 -2.86
N ALA A 37 0.05 0.50 -4.04
CA ALA A 37 0.81 0.72 -5.25
C ALA A 37 1.12 2.22 -5.38
N LYS A 38 0.23 3.03 -4.82
CA LYS A 38 0.40 4.47 -4.87
C LYS A 38 1.73 4.85 -4.21
N THR A 39 2.00 4.21 -3.09
CA THR A 39 3.22 4.46 -2.35
C THR A 39 4.11 3.22 -2.34
N GLY A 40 3.70 2.23 -1.57
CA GLY A 40 4.44 0.99 -1.46
C GLY A 40 5.03 0.81 -0.07
N CYS A 41 4.46 1.56 0.88
CA CYS A 41 4.91 1.49 2.26
C CYS A 41 3.72 1.79 3.17
N VAL A 42 3.34 0.79 3.95
CA VAL A 42 2.22 0.93 4.86
C VAL A 42 2.28 2.31 5.51
N ASP A 43 3.45 2.64 6.05
CA ASP A 43 3.65 3.91 6.70
C ASP A 43 3.20 5.04 5.77
N LEU A 44 3.82 5.06 4.59
CA LEU A 44 3.49 6.08 3.59
C LEU A 44 1.99 6.05 3.32
N THR A 45 1.50 4.86 3.00
CA THR A 45 0.08 4.68 2.71
C THR A 45 -0.77 5.50 3.70
N ILE A 46 -0.51 5.28 4.97
CA ILE A 46 -1.23 5.98 6.02
C ILE A 46 -1.30 7.48 5.68
N THR A 47 -0.15 8.12 5.79
CA THR A 47 -0.07 9.54 5.49
C THR A 47 -0.76 9.86 4.17
N ASN A 48 -0.32 9.16 3.13
CA ASN A 48 -0.89 9.35 1.81
C ASN A 48 -2.41 9.38 1.91
N LEU A 49 -2.95 8.40 2.63
CA LEU A 49 -4.38 8.30 2.80
C LEU A 49 -4.90 9.56 3.51
N LEU A 50 -4.07 10.07 4.41
CA LEU A 50 -4.42 11.27 5.15
C LEU A 50 -4.61 12.43 4.17
N GLU A 51 -3.53 12.77 3.48
CA GLU A 51 -3.57 13.86 2.52
C GLU A 51 -3.64 13.30 1.10
N GLY A 52 -2.49 12.83 0.63
CA GLY A 52 -2.41 12.27 -0.71
C GLY A 52 -0.94 12.12 -1.15
N ALA A 53 -0.49 13.07 -1.95
CA ALA A 53 0.88 13.05 -2.43
C ALA A 53 0.96 12.17 -3.69
N VAL A 54 0.38 10.99 -3.58
CA VAL A 54 0.37 10.05 -4.68
C VAL A 54 -1.08 9.81 -5.14
N ALA A 55 -1.21 8.94 -6.13
CA ALA A 55 -2.53 8.62 -6.67
C ALA A 55 -3.06 9.83 -7.44
N PHE A 56 -2.65 9.91 -8.70
CA PHE A 56 -3.09 10.99 -9.56
C PHE A 56 -3.62 10.47 -10.89
N MET A 57 -4.43 11.29 -11.53
CA MET A 57 -5.02 10.92 -12.81
C MET A 57 -5.54 12.15 -13.56
N PRO A 58 -4.98 12.36 -14.78
CA PRO A 58 -5.37 13.48 -15.60
C PRO A 58 -6.74 13.26 -16.24
N GLU A 59 -7.35 14.36 -16.67
CA GLU A 59 -8.66 14.29 -17.29
C GLU A 59 -8.54 14.45 -18.81
N ASP A 60 -9.54 13.93 -19.51
CA ASP A 60 -9.55 14.01 -20.96
C ASP A 60 -10.81 13.34 -21.49
N ILE A 61 -11.73 14.16 -21.98
CA ILE A 61 -12.98 13.66 -22.52
C ILE A 61 -12.74 13.07 -23.92
N GLY A 1 15.45 7.65 -3.05
CA GLY A 1 14.03 7.36 -3.10
C GLY A 1 13.45 7.19 -1.70
N SER A 2 13.92 6.16 -1.01
CA SER A 2 13.45 5.88 0.33
C SER A 2 14.27 4.74 0.95
N SER A 3 14.10 4.58 2.25
CA SER A 3 14.82 3.54 2.97
C SER A 3 14.11 3.22 4.29
N GLY A 4 14.43 2.07 4.84
CA GLY A 4 13.84 1.64 6.09
C GLY A 4 14.77 0.69 6.85
N SER A 5 15.63 1.28 7.65
CA SER A 5 16.58 0.49 8.44
C SER A 5 15.86 -0.71 9.06
N SER A 6 14.58 -0.54 9.32
CA SER A 6 13.78 -1.59 9.90
C SER A 6 13.56 -2.71 8.89
N GLY A 7 14.04 -3.89 9.24
CA GLY A 7 13.91 -5.05 8.37
C GLY A 7 12.94 -6.07 8.97
N SER A 8 11.95 -6.44 8.17
CA SER A 8 10.95 -7.40 8.61
C SER A 8 10.61 -8.35 7.46
N PRO A 9 10.22 -9.60 7.85
CA PRO A 9 9.87 -10.62 6.87
C PRO A 9 8.50 -10.33 6.25
N ASP A 10 8.25 -10.96 5.11
CA ASP A 10 6.99 -10.79 4.41
C ASP A 10 6.77 -9.31 4.15
N VAL A 11 6.93 -8.93 2.88
CA VAL A 11 6.75 -7.54 2.49
C VAL A 11 5.92 -7.50 1.20
N GLN A 12 5.01 -8.45 1.08
CA GLN A 12 4.15 -8.53 -0.08
C GLN A 12 2.91 -7.66 0.11
N LEU A 13 2.34 -7.23 -1.01
CA LEU A 13 1.15 -6.40 -0.97
C LEU A 13 0.19 -6.94 0.09
N ALA A 14 -0.16 -8.21 -0.06
CA ALA A 14 -1.06 -8.85 0.88
C ALA A 14 -0.67 -8.45 2.31
N THR A 15 0.52 -8.87 2.71
CA THR A 15 1.02 -8.57 4.03
C THR A 15 0.71 -7.11 4.39
N LEU A 16 1.01 -6.22 3.46
CA LEU A 16 0.77 -4.81 3.67
C LEU A 16 -0.72 -4.58 3.94
N ALA A 17 -1.53 -4.91 2.95
CA ALA A 17 -2.97 -4.75 3.07
C ALA A 17 -3.41 -5.16 4.48
N GLN A 18 -2.75 -6.18 4.99
CA GLN A 18 -3.06 -6.67 6.33
C GLN A 18 -2.81 -5.58 7.37
N ARG A 19 -1.58 -5.06 7.36
CA ARG A 19 -1.21 -4.02 8.30
C ARG A 19 -2.10 -2.79 8.11
N VAL A 20 -1.94 -2.15 6.95
CA VAL A 20 -2.71 -0.97 6.63
C VAL A 20 -4.16 -1.19 7.06
N LYS A 21 -4.67 -2.38 6.77
CA LYS A 21 -6.03 -2.72 7.12
C LYS A 21 -6.14 -2.86 8.64
N GLU A 22 -5.14 -3.49 9.22
CA GLU A 22 -5.11 -3.69 10.67
C GLU A 22 -5.14 -2.34 11.39
N VAL A 23 -4.66 -1.32 10.69
CA VAL A 23 -4.64 0.03 11.25
C VAL A 23 -5.91 0.78 10.84
N LEU A 24 -6.33 0.52 9.61
CA LEU A 24 -7.52 1.17 9.09
C LEU A 24 -8.44 0.11 8.47
N PRO A 25 -9.36 -0.43 9.33
CA PRO A 25 -10.30 -1.44 8.88
C PRO A 25 -11.39 -0.83 8.02
N HIS A 26 -11.78 0.39 8.37
CA HIS A 26 -12.82 1.10 7.64
C HIS A 26 -12.52 1.05 6.15
N VAL A 27 -11.39 1.63 5.78
CA VAL A 27 -10.97 1.66 4.40
C VAL A 27 -11.09 0.25 3.79
N PRO A 28 -11.51 0.22 2.50
CA PRO A 28 -11.67 -1.06 1.81
C PRO A 28 -10.31 -1.64 1.42
N LEU A 29 -10.32 -2.94 1.13
CA LEU A 29 -9.10 -3.63 0.76
C LEU A 29 -8.84 -3.40 -0.73
N GLY A 30 -9.91 -3.37 -1.50
CA GLY A 30 -9.80 -3.15 -2.93
C GLY A 30 -9.06 -1.84 -3.23
N VAL A 31 -9.26 -0.87 -2.36
CA VAL A 31 -8.62 0.42 -2.52
C VAL A 31 -7.24 0.38 -1.90
N ILE A 32 -7.16 -0.20 -0.70
CA ILE A 32 -5.90 -0.31 0.00
C ILE A 32 -4.84 -0.89 -0.93
N GLN A 33 -5.13 -2.08 -1.44
CA GLN A 33 -4.22 -2.76 -2.34
C GLN A 33 -3.70 -1.78 -3.41
N ARG A 34 -4.64 -1.30 -4.22
CA ARG A 34 -4.29 -0.36 -5.27
C ARG A 34 -3.55 0.84 -4.69
N ASP A 35 -4.08 1.36 -3.60
CA ASP A 35 -3.48 2.51 -2.94
C ASP A 35 -2.02 2.19 -2.61
N LEU A 36 -1.83 1.05 -1.95
CA LEU A 36 -0.49 0.62 -1.56
C LEU A 36 0.46 0.81 -2.75
N ALA A 37 -0.08 0.59 -3.95
CA ALA A 37 0.70 0.73 -5.16
C ALA A 37 1.15 2.19 -5.31
N LYS A 38 0.20 3.09 -5.06
CA LYS A 38 0.48 4.52 -5.16
C LYS A 38 1.85 4.81 -4.56
N THR A 39 2.11 4.15 -3.43
CA THR A 39 3.38 4.33 -2.74
C THR A 39 4.10 2.99 -2.58
N GLY A 40 3.66 2.24 -1.57
CA GLY A 40 4.24 0.94 -1.29
C GLY A 40 4.90 0.91 0.08
N CYS A 41 4.27 1.62 1.02
CA CYS A 41 4.78 1.68 2.37
C CYS A 41 3.61 1.96 3.31
N VAL A 42 3.33 0.98 4.17
CA VAL A 42 2.24 1.11 5.12
C VAL A 42 2.25 2.52 5.71
N ASP A 43 3.39 2.89 6.26
CA ASP A 43 3.54 4.20 6.87
C ASP A 43 3.04 5.26 5.89
N LEU A 44 3.54 5.17 4.66
CA LEU A 44 3.15 6.13 3.63
C LEU A 44 1.63 6.16 3.52
N THR A 45 1.06 4.99 3.21
CA THR A 45 -0.38 4.88 3.08
C THR A 45 -1.08 5.72 4.14
N ILE A 46 -0.75 5.43 5.40
CA ILE A 46 -1.34 6.15 6.51
C ILE A 46 -1.30 7.66 6.22
N THR A 47 -0.10 8.14 5.96
CA THR A 47 0.10 9.54 5.67
C THR A 47 -0.71 9.96 4.44
N ASN A 48 -0.54 9.20 3.37
CA ASN A 48 -1.24 9.47 2.13
C ASN A 48 -2.73 9.68 2.43
N LEU A 49 -3.33 8.68 3.05
CA LEU A 49 -4.74 8.75 3.40
C LEU A 49 -4.99 10.02 4.22
N LEU A 50 -4.09 10.28 5.15
CA LEU A 50 -4.20 11.46 6.00
C LEU A 50 -4.33 12.70 5.12
N GLU A 51 -3.26 12.97 4.38
CA GLU A 51 -3.24 14.13 3.50
C GLU A 51 -3.70 13.73 2.09
N GLY A 52 -2.73 13.43 1.24
CA GLY A 52 -3.02 13.04 -0.13
C GLY A 52 -1.73 12.73 -0.89
N ALA A 53 -1.51 11.44 -1.12
CA ALA A 53 -0.33 10.99 -1.83
C ALA A 53 -0.74 9.98 -2.90
N VAL A 54 -1.39 10.50 -3.94
CA VAL A 54 -1.85 9.65 -5.03
C VAL A 54 -1.35 10.24 -6.35
N ALA A 55 -0.85 9.35 -7.20
CA ALA A 55 -0.34 9.77 -8.50
C ALA A 55 -1.15 9.07 -9.60
N PHE A 56 -2.40 9.48 -9.73
CA PHE A 56 -3.28 8.92 -10.73
C PHE A 56 -2.57 8.80 -12.08
N MET A 57 -2.78 7.66 -12.73
CA MET A 57 -2.18 7.42 -14.02
C MET A 57 -2.59 8.49 -15.04
N PRO A 58 -1.60 9.34 -15.42
CA PRO A 58 -1.85 10.40 -16.38
C PRO A 58 -1.96 9.85 -17.80
N GLU A 59 -2.91 10.39 -18.54
CA GLU A 59 -3.12 9.95 -19.92
C GLU A 59 -1.89 10.27 -20.76
N ASP A 60 -1.85 9.67 -21.94
CA ASP A 60 -0.75 9.88 -22.86
C ASP A 60 -1.07 9.20 -24.20
N ILE A 61 -1.28 10.05 -25.20
CA ILE A 61 -1.59 9.55 -26.53
C ILE A 61 -0.33 8.93 -27.14
N GLY A 1 17.87 -21.90 15.33
CA GLY A 1 18.62 -20.92 14.56
C GLY A 1 17.77 -19.68 14.27
N SER A 2 18.25 -18.55 14.77
CA SER A 2 17.54 -17.29 14.58
C SER A 2 18.50 -16.23 14.04
N SER A 3 18.31 -15.88 12.78
CA SER A 3 19.15 -14.88 12.14
C SER A 3 18.56 -14.49 10.79
N GLY A 4 17.72 -13.46 10.82
CA GLY A 4 17.08 -12.99 9.60
C GLY A 4 15.56 -12.98 9.75
N SER A 5 14.90 -13.55 8.75
CA SER A 5 13.45 -13.61 8.74
C SER A 5 12.99 -14.75 9.67
N SER A 6 11.71 -14.69 10.02
CA SER A 6 11.13 -15.69 10.89
C SER A 6 10.04 -16.48 10.14
N GLY A 7 10.04 -17.78 10.36
CA GLY A 7 9.06 -18.64 9.72
C GLY A 7 8.97 -18.35 8.22
N SER A 8 7.80 -17.88 7.81
CA SER A 8 7.57 -17.56 6.41
C SER A 8 7.32 -16.06 6.26
N PRO A 9 8.36 -15.36 5.75
CA PRO A 9 8.28 -13.92 5.55
C PRO A 9 7.41 -13.59 4.32
N ASP A 10 7.02 -12.33 4.24
CA ASP A 10 6.19 -11.88 3.13
C ASP A 10 5.95 -10.36 3.26
N VAL A 11 6.09 -9.68 2.14
CA VAL A 11 5.89 -8.24 2.11
C VAL A 11 5.16 -7.86 0.83
N GLN A 12 4.17 -8.66 0.48
CA GLN A 12 3.39 -8.41 -0.72
C GLN A 12 2.21 -7.48 -0.41
N LEU A 13 1.59 -6.98 -1.47
CA LEU A 13 0.47 -6.08 -1.32
C LEU A 13 -0.46 -6.61 -0.22
N ALA A 14 -0.89 -7.85 -0.41
CA ALA A 14 -1.78 -8.48 0.55
C ALA A 14 -1.20 -8.32 1.96
N THR A 15 -0.04 -8.91 2.17
CA THR A 15 0.62 -8.83 3.46
C THR A 15 0.48 -7.42 4.04
N LEU A 16 0.60 -6.44 3.17
CA LEU A 16 0.49 -5.05 3.58
C LEU A 16 -0.98 -4.73 3.91
N ALA A 17 -1.84 -5.05 2.95
CA ALA A 17 -3.26 -4.80 3.12
C ALA A 17 -3.69 -5.26 4.51
N GLN A 18 -2.94 -6.22 5.04
CA GLN A 18 -3.24 -6.75 6.37
C GLN A 18 -2.88 -5.73 7.44
N ARG A 19 -1.72 -5.12 7.27
CA ARG A 19 -1.25 -4.12 8.22
C ARG A 19 -2.02 -2.81 8.03
N VAL A 20 -1.82 -2.19 6.88
CA VAL A 20 -2.49 -0.95 6.56
C VAL A 20 -3.93 -1.01 7.08
N LYS A 21 -4.52 -2.18 6.96
CA LYS A 21 -5.89 -2.38 7.40
C LYS A 21 -5.94 -2.35 8.92
N GLU A 22 -5.08 -3.15 9.53
CA GLU A 22 -5.01 -3.22 10.98
C GLU A 22 -5.06 -1.81 11.58
N VAL A 23 -4.46 -0.88 10.86
CA VAL A 23 -4.44 0.51 11.31
C VAL A 23 -5.72 1.21 10.86
N LEU A 24 -6.15 0.88 9.65
CA LEU A 24 -7.35 1.46 9.10
C LEU A 24 -8.30 0.35 8.65
N PRO A 25 -9.18 -0.08 9.59
CA PRO A 25 -10.15 -1.12 9.31
C PRO A 25 -11.28 -0.60 8.43
N HIS A 26 -11.67 0.64 8.69
CA HIS A 26 -12.74 1.27 7.93
C HIS A 26 -12.24 1.60 6.52
N VAL A 27 -12.06 0.55 5.74
CA VAL A 27 -11.59 0.70 4.37
C VAL A 27 -11.46 -0.67 3.72
N PRO A 28 -11.81 -0.72 2.40
CA PRO A 28 -11.74 -1.95 1.65
C PRO A 28 -10.29 -2.31 1.31
N LEU A 29 -10.10 -3.55 0.90
CA LEU A 29 -8.76 -4.02 0.54
C LEU A 29 -8.43 -3.58 -0.88
N GLY A 30 -9.40 -3.75 -1.76
CA GLY A 30 -9.22 -3.36 -3.16
C GLY A 30 -8.62 -1.96 -3.25
N VAL A 31 -9.23 -1.02 -2.56
CA VAL A 31 -8.76 0.35 -2.56
C VAL A 31 -7.35 0.41 -1.96
N ILE A 32 -7.22 -0.25 -0.81
CA ILE A 32 -5.93 -0.29 -0.12
C ILE A 32 -4.84 -0.71 -1.11
N GLN A 33 -4.97 -1.94 -1.59
CA GLN A 33 -4.01 -2.48 -2.54
C GLN A 33 -3.64 -1.42 -3.57
N ARG A 34 -4.66 -0.90 -4.24
CA ARG A 34 -4.46 0.11 -5.26
C ARG A 34 -3.65 1.28 -4.69
N ASP A 35 -4.12 1.78 -3.56
CA ASP A 35 -3.45 2.89 -2.90
C ASP A 35 -1.96 2.56 -2.70
N LEU A 36 -1.72 1.36 -2.19
CA LEU A 36 -0.37 0.91 -1.96
C LEU A 36 0.46 1.11 -3.23
N ALA A 37 -0.11 0.69 -4.35
CA ALA A 37 0.56 0.82 -5.63
C ALA A 37 1.19 2.20 -5.74
N LYS A 38 0.59 3.15 -5.02
CA LYS A 38 1.09 4.51 -5.03
C LYS A 38 2.38 4.58 -4.22
N THR A 39 2.27 4.21 -2.95
CA THR A 39 3.43 4.23 -2.06
C THR A 39 3.98 2.81 -1.89
N GLY A 40 3.17 1.96 -1.29
CA GLY A 40 3.56 0.58 -1.06
C GLY A 40 4.20 0.42 0.33
N CYS A 41 4.17 1.50 1.09
CA CYS A 41 4.73 1.50 2.43
C CYS A 41 3.60 1.74 3.43
N VAL A 42 3.38 0.74 4.28
CA VAL A 42 2.34 0.83 5.29
C VAL A 42 2.33 2.25 5.87
N ASP A 43 3.51 2.71 6.26
CA ASP A 43 3.66 4.03 6.83
C ASP A 43 3.11 5.07 5.86
N LEU A 44 3.74 5.11 4.69
CA LEU A 44 3.32 6.05 3.65
C LEU A 44 1.80 6.08 3.57
N THR A 45 1.23 4.90 3.34
CA THR A 45 -0.20 4.77 3.23
C THR A 45 -0.90 5.66 4.27
N ILE A 46 -0.50 5.48 5.52
CA ILE A 46 -1.07 6.26 6.61
C ILE A 46 -0.97 7.74 6.28
N THR A 47 0.26 8.22 6.25
CA THR A 47 0.51 9.62 5.94
C THR A 47 -0.28 10.05 4.70
N ASN A 48 -0.12 9.27 3.64
CA ASN A 48 -0.80 9.55 2.40
C ASN A 48 -2.25 9.94 2.69
N LEU A 49 -2.93 9.07 3.42
CA LEU A 49 -4.32 9.31 3.78
C LEU A 49 -4.41 10.59 4.61
N LEU A 50 -3.38 10.82 5.41
CA LEU A 50 -3.33 12.00 6.26
C LEU A 50 -3.19 13.25 5.37
N GLU A 51 -2.37 13.11 4.33
CA GLU A 51 -2.14 14.21 3.42
C GLU A 51 -2.19 13.71 1.97
N GLY A 52 -1.01 13.48 1.41
CA GLY A 52 -0.91 13.00 0.05
C GLY A 52 0.18 11.94 -0.09
N ALA A 53 1.42 12.40 -0.04
CA ALA A 53 2.56 11.50 -0.15
C ALA A 53 2.26 10.45 -1.23
N VAL A 54 2.07 10.93 -2.45
CA VAL A 54 1.79 10.05 -3.56
C VAL A 54 2.83 10.27 -4.65
N ALA A 55 3.00 9.25 -5.49
CA ALA A 55 3.95 9.31 -6.58
C ALA A 55 3.32 10.04 -7.77
N PHE A 56 4.11 10.93 -8.37
CA PHE A 56 3.65 11.69 -9.50
C PHE A 56 3.57 10.81 -10.76
N MET A 57 2.87 11.33 -11.76
CA MET A 57 2.70 10.61 -13.01
C MET A 57 3.40 11.35 -14.16
N PRO A 58 3.80 10.55 -15.18
CA PRO A 58 4.48 11.11 -16.34
C PRO A 58 3.49 11.84 -17.25
N GLU A 59 3.96 12.93 -17.84
CA GLU A 59 3.12 13.71 -18.74
C GLU A 59 2.36 12.80 -19.69
N ASP A 60 1.30 13.35 -20.27
CA ASP A 60 0.48 12.59 -21.20
C ASP A 60 -0.09 13.55 -22.26
N ILE A 61 0.53 13.52 -23.43
CA ILE A 61 0.11 14.37 -24.52
C ILE A 61 -1.24 13.87 -25.05
N GLY A 1 5.11 -11.62 -24.95
CA GLY A 1 4.03 -12.56 -24.70
C GLY A 1 3.58 -12.50 -23.24
N SER A 2 2.98 -11.38 -22.88
CA SER A 2 2.51 -11.19 -21.52
C SER A 2 1.14 -11.85 -21.35
N SER A 3 1.16 -13.16 -21.18
CA SER A 3 -0.06 -13.92 -21.00
C SER A 3 0.13 -14.99 -19.93
N GLY A 4 1.11 -15.86 -20.18
CA GLY A 4 1.40 -16.94 -19.25
C GLY A 4 2.91 -17.22 -19.20
N SER A 5 3.63 -16.27 -18.62
CA SER A 5 5.07 -16.42 -18.50
C SER A 5 5.64 -15.28 -17.63
N SER A 6 5.76 -15.58 -16.34
CA SER A 6 6.29 -14.60 -15.41
C SER A 6 5.45 -13.33 -15.46
N GLY A 7 4.42 -13.31 -14.62
CA GLY A 7 3.53 -12.15 -14.55
C GLY A 7 2.61 -12.24 -13.34
N SER A 8 3.07 -11.64 -12.24
CA SER A 8 2.31 -11.63 -11.01
C SER A 8 2.97 -10.70 -9.99
N PRO A 9 2.61 -9.38 -10.09
CA PRO A 9 3.15 -8.39 -9.19
C PRO A 9 2.51 -8.49 -7.80
N ASP A 10 2.68 -9.66 -7.19
CA ASP A 10 2.12 -9.89 -5.88
C ASP A 10 3.25 -10.24 -4.90
N VAL A 11 3.56 -9.28 -4.05
CA VAL A 11 4.61 -9.46 -3.07
C VAL A 11 4.05 -9.22 -1.68
N GLN A 12 4.53 -8.15 -1.06
CA GLN A 12 4.08 -7.79 0.28
C GLN A 12 2.75 -7.04 0.21
N LEU A 13 2.25 -6.89 -1.01
CA LEU A 13 1.00 -6.19 -1.21
C LEU A 13 -0.04 -6.67 -0.20
N ALA A 14 -0.32 -7.96 -0.26
CA ALA A 14 -1.28 -8.56 0.66
C ALA A 14 -0.86 -8.27 2.10
N THR A 15 0.30 -8.81 2.45
CA THR A 15 0.82 -8.62 3.80
C THR A 15 0.61 -7.18 4.26
N LEU A 16 0.79 -6.27 3.32
CA LEU A 16 0.62 -4.85 3.62
C LEU A 16 -0.85 -4.58 3.93
N ALA A 17 -1.69 -4.84 2.93
CA ALA A 17 -3.13 -4.61 3.08
C ALA A 17 -3.56 -5.07 4.49
N GLN A 18 -2.85 -6.07 4.99
CA GLN A 18 -3.15 -6.61 6.31
C GLN A 18 -2.87 -5.56 7.38
N ARG A 19 -1.65 -5.04 7.35
CA ARG A 19 -1.24 -4.03 8.31
C ARG A 19 -2.07 -2.76 8.14
N VAL A 20 -1.86 -2.10 7.00
CA VAL A 20 -2.59 -0.88 6.70
C VAL A 20 -4.04 -1.02 7.16
N LYS A 21 -4.61 -2.18 6.88
CA LYS A 21 -5.98 -2.46 7.25
C LYS A 21 -6.08 -2.56 8.78
N GLU A 22 -5.18 -3.35 9.35
CA GLU A 22 -5.15 -3.52 10.79
C GLU A 22 -5.38 -2.18 11.50
N VAL A 23 -4.69 -1.16 11.00
CA VAL A 23 -4.81 0.17 11.58
C VAL A 23 -6.12 0.79 11.13
N LEU A 24 -6.41 0.65 9.85
CA LEU A 24 -7.63 1.19 9.28
C LEU A 24 -8.42 0.07 8.61
N PRO A 25 -9.32 -0.56 9.42
CA PRO A 25 -10.14 -1.65 8.92
C PRO A 25 -11.28 -1.12 8.04
N HIS A 26 -11.78 0.04 8.41
CA HIS A 26 -12.86 0.67 7.67
C HIS A 26 -12.52 0.65 6.18
N VAL A 27 -11.46 1.37 5.83
CA VAL A 27 -11.02 1.45 4.45
C VAL A 27 -11.14 0.07 3.81
N PRO A 28 -11.52 0.06 2.51
CA PRO A 28 -11.67 -1.18 1.77
C PRO A 28 -10.30 -1.76 1.39
N LEU A 29 -10.31 -3.04 1.07
CA LEU A 29 -9.09 -3.72 0.69
C LEU A 29 -8.77 -3.43 -0.78
N GLY A 30 -9.84 -3.28 -1.56
CA GLY A 30 -9.70 -3.00 -2.97
C GLY A 30 -8.91 -1.70 -3.19
N VAL A 31 -9.28 -0.69 -2.43
CA VAL A 31 -8.62 0.60 -2.53
C VAL A 31 -7.21 0.50 -1.95
N ILE A 32 -7.13 -0.13 -0.79
CA ILE A 32 -5.84 -0.30 -0.12
C ILE A 32 -4.84 -0.91 -1.10
N GLN A 33 -5.17 -2.12 -1.55
CA GLN A 33 -4.32 -2.83 -2.49
C GLN A 33 -3.77 -1.86 -3.55
N ARG A 34 -4.64 -0.95 -3.97
CA ARG A 34 -4.27 0.03 -4.97
C ARG A 34 -3.40 1.13 -4.34
N ASP A 35 -3.95 1.75 -3.30
CA ASP A 35 -3.25 2.82 -2.61
C ASP A 35 -1.82 2.36 -2.30
N LEU A 36 -1.67 1.04 -2.18
CA LEU A 36 -0.36 0.47 -1.89
C LEU A 36 0.58 0.73 -3.07
N ALA A 37 0.18 0.21 -4.23
CA ALA A 37 0.98 0.38 -5.43
C ALA A 37 1.21 1.87 -5.68
N LYS A 38 0.28 2.67 -5.18
CA LYS A 38 0.36 4.12 -5.34
C LYS A 38 1.66 4.62 -4.72
N THR A 39 2.09 3.93 -3.67
CA THR A 39 3.31 4.30 -2.98
C THR A 39 4.14 3.05 -2.66
N GLY A 40 3.72 2.35 -1.62
CA GLY A 40 4.41 1.15 -1.20
C GLY A 40 4.99 1.30 0.21
N CYS A 41 4.27 2.06 1.03
CA CYS A 41 4.71 2.31 2.39
C CYS A 41 3.46 2.50 3.26
N VAL A 42 3.22 1.52 4.12
CA VAL A 42 2.08 1.58 5.02
C VAL A 42 1.92 3.00 5.55
N ASP A 43 2.99 3.49 6.17
CA ASP A 43 2.99 4.82 6.73
C ASP A 43 2.34 5.79 5.73
N LEU A 44 2.88 5.78 4.52
CA LEU A 44 2.38 6.65 3.46
C LEU A 44 0.89 6.38 3.26
N THR A 45 0.57 5.12 3.08
CA THR A 45 -0.82 4.71 2.87
C THR A 45 -1.73 5.40 3.89
N ILE A 46 -1.36 5.25 5.16
CA ILE A 46 -2.14 5.86 6.23
C ILE A 46 -2.45 7.31 5.88
N THR A 47 -1.39 8.04 5.57
CA THR A 47 -1.53 9.45 5.21
C THR A 47 -2.32 9.60 3.91
N ASN A 48 -1.89 8.83 2.92
CA ASN A 48 -2.54 8.86 1.61
C ASN A 48 -4.06 8.85 1.82
N LEU A 49 -4.50 7.97 2.69
CA LEU A 49 -5.92 7.84 2.99
C LEU A 49 -6.45 9.19 3.48
N LEU A 50 -5.79 9.72 4.50
CA LEU A 50 -6.20 10.99 5.07
C LEU A 50 -6.06 12.09 4.01
N GLU A 51 -4.81 12.34 3.64
CA GLU A 51 -4.53 13.35 2.63
C GLU A 51 -5.33 13.08 1.36
N GLY A 52 -4.73 12.30 0.48
CA GLY A 52 -5.38 11.96 -0.78
C GLY A 52 -4.44 12.21 -1.97
N ALA A 53 -3.36 11.46 -1.99
CA ALA A 53 -2.38 11.60 -3.07
C ALA A 53 -2.83 10.77 -4.26
N VAL A 54 -2.23 9.59 -4.39
CA VAL A 54 -2.55 8.70 -5.49
C VAL A 54 -2.18 9.37 -6.81
N ALA A 55 -1.49 8.60 -7.65
CA ALA A 55 -1.06 9.10 -8.94
C ALA A 55 0.03 10.16 -8.74
N PHE A 56 0.88 9.91 -7.75
CA PHE A 56 1.96 10.83 -7.44
C PHE A 56 3.21 10.48 -8.27
N MET A 57 3.19 9.28 -8.83
CA MET A 57 4.32 8.83 -9.63
C MET A 57 5.62 8.85 -8.83
N PRO A 58 6.18 7.64 -8.60
CA PRO A 58 7.42 7.51 -7.86
C PRO A 58 8.61 7.95 -8.69
N GLU A 59 9.68 8.34 -7.99
CA GLU A 59 10.89 8.79 -8.67
C GLU A 59 12.11 8.04 -8.11
N ASP A 60 13.10 7.89 -8.96
CA ASP A 60 14.32 7.20 -8.57
C ASP A 60 15.53 8.05 -8.96
N ILE A 61 16.00 8.82 -8.00
CA ILE A 61 17.15 9.69 -8.23
C ILE A 61 18.36 8.84 -8.60
#